data_8YX1
#
_entry.id   8YX1
#
_cell.length_a   49.565
_cell.length_b   116.002
_cell.length_c   121.651
_cell.angle_alpha   90.000
_cell.angle_beta   91.713
_cell.angle_gamma   90.000
#
_symmetry.space_group_name_H-M   'P 1 21 1'
#
loop_
_entity.id
_entity.type
_entity.pdbx_description
1 polymer 'Bleselumab, heavy chain'
2 polymer 'Bleselumab, light chain'
3 polymer 'Tumor necrosis factor receptor superfamily member 5'
4 water water
#
loop_
_entity_poly.entity_id
_entity_poly.type
_entity_poly.pdbx_seq_one_letter_code
_entity_poly.pdbx_strand_id
1 'polypeptide(L)'
;LQLQESGPGLLKPSETLSLTCTVSGGSISSPGYYGGWIRQPPGKGLEWIGSIYKSGSTYHNPSLKSRVTISVDTSKNQFS
LKLSSVTAADTAVYYCTRPVVRYFGWFDPWGQGTLVTVSSASTKGPSVFPLAPSSKSTSGGTAALGCLVKDYFPEPVTVS
WNSGALTSGVHTFPAVLQSSGLYSLSSVVTVPSSSLGTQTYICNVNHKPSNTKVDKKVEPKSCHHHHHH
;
H,A
2 'polypeptide(L)'
;AIQLTQSPSSLSASVGDRVTITCRASQGISSALAWYQQKPGKAPKLLIYDASNLESGVPSRFSGSGSGTDFTLTISSLQP
EDFATYYCQQFNSYPTFGQGTKVEIKRTVAAPSVFIFPPSDEQLKSGTASVVCLLNNFYPREAKVQWKVDNALQSGNSQE
SVTEQDSKDSTYSLSSTLTLSKADYEKHKVYACEVTHQGLSSPVTKSFNRGEC
;
L,B
3 'polypeptide(L)'
;EPPTACREKQYLINSQCCSLCQPGQKLVSDCTEFTETECLPCGESEFLDTWNRETHCHQHKYCDPNLGLRVQQKGTSETD
TICTCEEGWHCTSEACESCVLHRSCSPGFGVKQIATGVSDTICEPCPVGFFSNVSSAFEKCHPWTSCETKDLVVQQAGTN
KTDVVCGPQDRLRHHHHHH
;
R,C
#
# COMPACT_ATOMS: atom_id res chain seq x y z
N LEU A 1 -3.18 36.94 4.34
CA LEU A 1 -2.20 35.93 3.84
C LEU A 1 -2.20 35.90 2.33
N GLN A 2 -1.07 36.32 1.75
CA GLN A 2 -0.90 36.36 0.31
C GLN A 2 0.37 35.61 -0.09
N LEU A 3 0.43 35.27 -1.38
CA LEU A 3 1.57 34.61 -1.98
C LEU A 3 1.86 35.29 -3.32
N GLN A 4 3.16 35.51 -3.59
CA GLN A 4 3.60 36.05 -4.85
C GLN A 4 4.64 35.11 -5.44
N GLU A 5 4.51 34.76 -6.72
CA GLU A 5 5.56 34.04 -7.41
C GLU A 5 6.55 35.05 -7.99
N SER A 6 7.85 34.73 -7.97
CA SER A 6 8.84 35.49 -8.69
C SER A 6 9.80 34.57 -9.42
N GLY A 7 10.21 34.98 -10.62
CA GLY A 7 11.17 34.24 -11.43
C GLY A 7 11.27 34.86 -12.81
N PRO A 8 11.90 34.20 -13.81
CA PRO A 8 12.13 34.81 -15.11
C PRO A 8 10.97 34.37 -15.98
N GLY A 9 10.62 35.17 -16.98
CA GLY A 9 9.48 34.82 -17.80
C GLY A 9 9.93 34.18 -19.10
N LEU A 10 11.25 34.03 -19.23
CA LEU A 10 11.87 33.50 -20.44
C LEU A 10 13.13 32.78 -20.00
N LEU A 11 13.39 31.66 -20.66
CA LEU A 11 14.34 30.65 -20.21
C LEU A 11 14.68 29.76 -21.41
N LYS A 12 15.92 29.32 -21.60
CA LYS A 12 16.23 28.59 -22.82
C LYS A 12 15.94 27.10 -22.64
N PRO A 13 15.79 26.32 -23.74
CA PRO A 13 15.74 24.86 -23.63
C PRO A 13 17.00 24.40 -22.92
N SER A 14 16.82 23.56 -21.88
CA SER A 14 17.88 22.85 -21.18
C SER A 14 18.36 23.63 -19.95
N GLU A 15 18.12 24.94 -19.93
CA GLU A 15 18.38 25.72 -18.73
C GLU A 15 17.50 25.18 -17.59
N THR A 16 17.78 25.62 -16.37
CA THR A 16 16.98 25.22 -15.24
C THR A 16 16.04 26.36 -14.86
N LEU A 17 14.81 26.00 -14.45
CA LEU A 17 13.81 26.94 -14.01
C LEU A 17 13.94 27.09 -12.51
N SER A 18 14.02 28.35 -12.05
CA SER A 18 14.09 28.70 -10.64
C SER A 18 12.99 29.70 -10.31
N LEU A 19 12.03 29.24 -9.49
CA LEU A 19 10.95 30.10 -9.02
C LEU A 19 10.97 30.15 -7.49
N THR A 20 10.45 31.25 -6.97
CA THR A 20 10.42 31.51 -5.54
C THR A 20 9.04 32.05 -5.20
N CYS A 21 8.51 31.61 -4.07
CA CYS A 21 7.19 32.03 -3.61
C CYS A 21 7.37 32.78 -2.31
N THR A 22 6.89 34.03 -2.29
CA THR A 22 7.02 34.87 -1.12
C THR A 22 5.67 34.96 -0.43
N VAL A 23 5.70 34.68 0.87
CA VAL A 23 4.51 34.64 1.70
C VAL A 23 4.47 35.91 2.54
N SER A 24 3.36 36.65 2.46
CA SER A 24 3.13 37.74 3.37
C SER A 24 1.84 37.48 4.13
N GLY A 25 1.59 38.30 5.15
CA GLY A 25 0.35 38.31 5.91
C GLY A 25 0.17 37.09 6.81
N GLY A 26 1.27 36.36 7.03
CA GLY A 26 1.26 35.14 7.80
C GLY A 26 2.64 34.50 7.70
N SER A 27 2.98 33.69 8.69
CA SER A 27 4.28 33.04 8.72
C SER A 27 4.14 31.59 8.28
N ILE A 28 5.14 31.14 7.51
CA ILE A 28 5.34 29.77 7.08
C ILE A 28 5.76 28.89 8.26
N SER A 29 6.01 29.48 9.43
CA SER A 29 6.53 28.74 10.58
C SER A 29 5.41 28.05 11.35
N SER A 30 4.19 28.56 11.19
CA SER A 30 3.03 28.02 11.90
C SER A 30 2.98 26.51 11.68
N PRO A 31 2.48 25.71 12.64
CA PRO A 31 2.30 24.29 12.40
C PRO A 31 1.29 24.21 11.25
N GLY A 32 1.42 23.16 10.44
CA GLY A 32 0.43 22.85 9.42
C GLY A 32 0.66 23.65 8.14
N TYR A 33 1.67 24.51 8.13
CA TYR A 33 1.89 25.36 6.97
C TYR A 33 2.66 24.52 5.94
N TYR A 34 2.03 24.27 4.80
CA TYR A 34 2.72 23.72 3.64
C TYR A 34 2.80 24.77 2.53
N GLY A 35 3.69 24.55 1.56
CA GLY A 35 3.61 25.23 0.27
C GLY A 35 3.45 24.23 -0.86
N GLY A 36 2.97 24.69 -2.02
CA GLY A 36 2.76 23.80 -3.16
C GLY A 36 3.04 24.54 -4.47
N TRP A 37 3.36 23.78 -5.53
CA TRP A 37 3.49 24.37 -6.85
C TRP A 37 2.54 23.67 -7.80
N ILE A 38 1.67 24.46 -8.44
CA ILE A 38 0.78 24.01 -9.50
C ILE A 38 1.23 24.68 -10.79
N ARG A 39 0.89 24.14 -11.95
CA ARG A 39 1.17 24.88 -13.17
C ARG A 39 0.12 24.57 -14.22
N GLN A 40 0.08 25.40 -15.27
CA GLN A 40 -0.95 25.36 -16.29
C GLN A 40 -0.43 25.83 -17.64
N PRO A 41 -0.11 24.92 -18.58
CA PRO A 41 0.25 25.31 -19.94
C PRO A 41 -0.83 26.23 -20.48
N PRO A 42 -0.51 27.19 -21.38
CA PRO A 42 -1.48 28.20 -21.79
C PRO A 42 -2.71 27.56 -22.43
N GLY A 43 -3.90 27.94 -21.94
CA GLY A 43 -5.17 27.45 -22.44
C GLY A 43 -5.35 25.94 -22.26
N LYS A 44 -4.69 25.36 -21.24
CA LYS A 44 -4.78 23.94 -20.92
C LYS A 44 -5.01 23.77 -19.41
N GLY A 45 -5.03 22.52 -18.94
CA GLY A 45 -5.45 22.20 -17.59
C GLY A 45 -4.37 22.41 -16.53
N LEU A 46 -4.62 21.86 -15.34
CA LEU A 46 -3.74 22.07 -14.21
C LEU A 46 -2.97 20.80 -13.86
N GLU A 47 -1.69 20.96 -13.51
CA GLU A 47 -0.85 19.88 -13.02
C GLU A 47 -0.14 20.33 -11.75
N TRP A 48 -0.25 19.52 -10.68
CA TRP A 48 0.49 19.70 -9.45
C TRP A 48 1.93 19.30 -9.69
N ILE A 49 2.87 20.18 -9.29
CA ILE A 49 4.29 19.90 -9.37
C ILE A 49 4.75 19.21 -8.08
N GLY A 50 4.50 19.85 -6.92
CA GLY A 50 4.82 19.22 -5.65
C GLY A 50 4.33 20.05 -4.47
N SER A 51 4.49 19.53 -3.26
CA SER A 51 4.20 20.26 -2.03
C SER A 51 5.36 20.10 -1.05
N ILE A 52 5.43 21.01 -0.08
CA ILE A 52 6.48 20.97 0.91
C ILE A 52 5.90 21.45 2.24
N TYR A 53 6.25 20.70 3.31
CA TYR A 53 5.99 21.12 4.67
C TYR A 53 7.15 21.99 5.13
N LYS A 54 6.90 22.89 6.07
CA LYS A 54 7.90 23.85 6.52
C LYS A 54 9.14 23.12 7.03
N SER A 55 8.97 21.88 7.49
CA SER A 55 10.07 21.05 7.91
C SER A 55 11.13 20.90 6.80
N GLY A 56 10.69 20.88 5.54
CA GLY A 56 11.54 20.59 4.40
C GLY A 56 11.07 19.33 3.67
N SER A 57 10.32 18.48 4.39
CA SER A 57 9.70 17.28 3.85
C SER A 57 8.87 17.64 2.62
N THR A 58 8.80 16.73 1.65
CA THR A 58 8.32 17.12 0.34
C THR A 58 7.83 15.90 -0.46
N TYR A 59 6.79 16.11 -1.29
CA TYR A 59 6.32 15.18 -2.30
C TYR A 59 6.16 15.91 -3.62
N HIS A 60 6.19 15.19 -4.74
CA HIS A 60 6.13 15.81 -6.05
C HIS A 60 5.53 14.84 -7.05
N ASN A 61 5.05 15.37 -8.18
CA ASN A 61 4.34 14.57 -9.15
C ASN A 61 5.34 13.54 -9.70
N PRO A 62 5.01 12.24 -9.75
CA PRO A 62 5.96 11.25 -10.23
C PRO A 62 6.34 11.54 -11.68
N SER A 63 5.48 12.29 -12.37
CA SER A 63 5.71 12.63 -13.78
C SER A 63 6.86 13.63 -13.95
N LEU A 64 7.47 14.10 -12.86
CA LEU A 64 8.64 14.95 -12.94
C LEU A 64 9.74 14.36 -12.04
N LYS A 65 9.93 13.05 -12.16
CA LYS A 65 10.92 12.38 -11.36
C LYS A 65 12.31 12.80 -11.81
N SER A 66 13.14 13.21 -10.86
CA SER A 66 14.55 13.54 -11.06
C SER A 66 14.74 14.93 -11.71
N ARG A 67 13.70 15.76 -11.71
CA ARG A 67 13.74 17.09 -12.31
C ARG A 67 13.35 18.17 -11.32
N VAL A 68 12.61 17.79 -10.27
CA VAL A 68 12.04 18.72 -9.34
C VAL A 68 12.84 18.76 -8.04
N THR A 69 13.29 19.97 -7.68
CA THR A 69 13.73 20.29 -6.33
C THR A 69 12.81 21.36 -5.74
N ILE A 70 12.36 21.16 -4.48
CA ILE A 70 11.48 22.08 -3.79
C ILE A 70 12.04 22.33 -2.39
N SER A 71 12.19 23.59 -2.02
CA SER A 71 12.94 23.94 -0.83
C SER A 71 12.17 25.01 -0.06
N VAL A 72 12.40 25.10 1.25
CA VAL A 72 11.72 26.10 2.07
C VAL A 72 12.77 26.90 2.83
N ASP A 73 12.55 28.21 2.96
CA ASP A 73 13.48 29.10 3.65
C ASP A 73 12.71 29.83 4.74
N THR A 74 12.73 29.27 5.94
CA THR A 74 11.88 29.77 7.00
C THR A 74 12.25 31.21 7.26
N SER A 75 13.55 31.50 7.19
CA SER A 75 14.09 32.78 7.61
C SER A 75 13.52 33.92 6.77
N LYS A 76 13.41 33.72 5.45
CA LYS A 76 12.95 34.77 4.53
C LYS A 76 11.46 34.59 4.20
N ASN A 77 10.85 33.52 4.74
CA ASN A 77 9.43 33.28 4.55
C ASN A 77 9.16 32.99 3.07
N GLN A 78 10.05 32.21 2.44
CA GLN A 78 9.93 31.86 1.03
C GLN A 78 10.04 30.34 0.86
N PHE A 79 9.43 29.82 -0.21
CA PHE A 79 9.70 28.46 -0.65
C PHE A 79 9.94 28.51 -2.16
N SER A 80 10.68 27.51 -2.68
CA SER A 80 11.26 27.59 -4.01
C SER A 80 10.96 26.36 -4.85
N LEU A 81 11.18 26.48 -6.16
CA LEU A 81 11.10 25.33 -7.05
C LEU A 81 12.26 25.42 -8.05
N LYS A 82 12.88 24.27 -8.34
CA LYS A 82 13.82 24.17 -9.44
C LYS A 82 13.33 23.07 -10.36
N LEU A 83 13.19 23.39 -11.64
CA LEU A 83 12.86 22.39 -12.64
C LEU A 83 14.00 22.37 -13.66
N SER A 84 14.73 21.23 -13.71
CA SER A 84 15.96 21.11 -14.48
C SER A 84 15.63 20.66 -15.90
N SER A 85 16.50 21.02 -16.85
CA SER A 85 16.44 20.53 -18.22
C SER A 85 15.09 20.84 -18.88
N VAL A 86 14.75 22.13 -18.93
CA VAL A 86 13.41 22.54 -19.36
C VAL A 86 13.25 22.43 -20.88
N THR A 87 11.99 22.28 -21.27
CA THR A 87 11.60 22.06 -22.65
C THR A 87 10.37 22.93 -22.89
N ALA A 88 10.03 23.17 -24.16
CA ALA A 88 8.78 23.82 -24.53
C ALA A 88 7.60 23.27 -23.73
N ALA A 89 7.68 21.98 -23.35
CA ALA A 89 6.59 21.32 -22.63
C ALA A 89 6.36 21.95 -21.25
N ASP A 90 7.34 22.71 -20.75
CA ASP A 90 7.25 23.27 -19.42
C ASP A 90 6.84 24.73 -19.48
N THR A 91 6.62 25.27 -20.68
CA THR A 91 6.01 26.59 -20.82
C THR A 91 4.66 26.53 -20.12
N ALA A 92 4.36 27.52 -19.26
CA ALA A 92 3.16 27.44 -18.47
C ALA A 92 3.03 28.64 -17.55
N VAL A 93 1.85 28.79 -16.95
CA VAL A 93 1.74 29.67 -15.82
C VAL A 93 1.97 28.81 -14.59
N TYR A 94 3.02 29.15 -13.83
CA TYR A 94 3.39 28.52 -12.58
C TYR A 94 2.81 29.31 -11.41
N TYR A 95 2.15 28.59 -10.50
CA TYR A 95 1.46 29.14 -9.37
C TYR A 95 2.01 28.54 -8.08
N CYS A 96 2.20 29.36 -7.05
CA CYS A 96 2.47 28.84 -5.72
C CYS A 96 1.17 28.90 -4.92
N THR A 97 1.04 28.04 -3.91
CA THR A 97 -0.22 27.88 -3.23
C THR A 97 0.02 27.37 -1.80
N ARG A 98 -1.08 27.29 -1.03
CA ARG A 98 -1.05 26.70 0.31
C ARG A 98 -1.90 25.44 0.32
N PRO A 99 -1.27 24.25 0.26
CA PRO A 99 -1.95 22.98 0.57
C PRO A 99 -2.44 23.11 2.02
N VAL A 100 -3.72 22.84 2.26
CA VAL A 100 -4.34 23.33 3.47
C VAL A 100 -4.28 22.28 4.56
N VAL A 101 -4.76 21.05 4.29
CA VAL A 101 -4.92 20.04 5.33
C VAL A 101 -3.90 18.92 5.17
N ARG A 102 -3.30 18.81 4.00
CA ARG A 102 -2.23 17.85 3.75
C ARG A 102 -1.45 18.22 2.51
N TYR A 103 -0.36 17.47 2.24
CA TYR A 103 0.48 17.72 1.07
C TYR A 103 -0.42 17.84 -0.14
N PHE A 104 -1.44 16.98 -0.19
CA PHE A 104 -2.21 16.74 -1.40
C PHE A 104 -3.32 17.78 -1.61
N GLY A 105 -3.63 18.57 -0.57
CA GLY A 105 -4.54 19.69 -0.75
C GLY A 105 -5.42 19.97 0.46
N TRP A 106 -6.55 20.66 0.24
CA TRP A 106 -6.80 21.46 -0.96
C TRP A 106 -5.86 22.67 -1.00
N PHE A 107 -6.03 23.52 -2.02
CA PHE A 107 -5.10 24.61 -2.33
C PHE A 107 -5.74 25.99 -2.10
N ASP A 108 -5.34 26.67 -1.03
CA ASP A 108 -5.85 28.01 -0.77
C ASP A 108 -4.98 28.76 0.22
N PRO A 109 -4.47 29.97 -0.09
CA PRO A 109 -4.79 30.68 -1.33
C PRO A 109 -3.82 30.29 -2.45
N TRP A 110 -3.89 31.03 -3.55
CA TRP A 110 -2.92 30.92 -4.63
C TRP A 110 -2.20 32.25 -4.79
N GLY A 111 -1.22 32.26 -5.69
CA GLY A 111 -0.60 33.50 -6.11
C GLY A 111 -1.19 33.87 -7.45
N GLN A 112 -0.74 35.01 -7.99
CA GLN A 112 -1.22 35.56 -9.25
C GLN A 112 -0.88 34.59 -10.37
N GLY A 113 0.28 33.96 -10.24
CA GLY A 113 0.86 33.17 -11.32
C GLY A 113 1.89 33.99 -12.07
N THR A 114 2.97 33.34 -12.47
CA THR A 114 4.03 33.93 -13.28
C THR A 114 4.20 33.02 -14.49
N LEU A 115 4.06 33.59 -15.70
CA LEU A 115 4.25 32.84 -16.92
C LEU A 115 5.74 32.60 -17.12
N VAL A 116 6.05 31.38 -17.55
CA VAL A 116 7.38 30.99 -17.94
C VAL A 116 7.29 30.50 -19.37
N THR A 117 8.08 31.11 -20.23
CA THR A 117 8.16 30.70 -21.61
C THR A 117 9.54 30.09 -21.80
N VAL A 118 9.55 28.87 -22.36
CA VAL A 118 10.78 28.19 -22.75
C VAL A 118 10.97 28.39 -24.24
N SER A 119 12.06 29.08 -24.60
CA SER A 119 12.29 29.54 -25.97
C SER A 119 13.72 30.04 -26.11
N SER A 120 14.32 29.77 -27.29
CA SER A 120 15.63 30.27 -27.72
C SER A 120 15.66 31.77 -28.03
N ALA A 121 14.50 32.31 -28.37
CA ALA A 121 14.39 33.67 -28.86
C ALA A 121 14.81 34.65 -27.77
N SER A 122 15.30 35.80 -28.25
CA SER A 122 15.73 36.93 -27.43
C SER A 122 14.54 37.76 -26.96
N THR A 123 14.71 38.33 -25.76
CA THR A 123 13.80 39.30 -25.17
C THR A 123 13.72 40.51 -26.11
N LYS A 124 12.62 41.26 -26.03
CA LYS A 124 12.43 42.40 -26.90
C LYS A 124 11.22 43.24 -26.49
N GLY A 125 11.42 44.56 -26.47
CA GLY A 125 10.44 45.52 -25.98
C GLY A 125 9.49 46.01 -27.09
N PRO A 126 8.24 46.35 -26.72
CA PRO A 126 7.22 46.73 -27.68
C PRO A 126 7.41 48.14 -28.23
N SER A 127 6.98 48.34 -29.48
CA SER A 127 6.63 49.65 -29.98
C SER A 127 5.16 49.88 -29.66
N VAL A 128 4.83 51.11 -29.25
CA VAL A 128 3.49 51.46 -28.82
C VAL A 128 3.00 52.62 -29.68
N PHE A 129 2.01 52.34 -30.52
CA PHE A 129 1.47 53.32 -31.44
C PHE A 129 0.04 53.62 -31.02
N PRO A 130 -0.45 54.86 -31.21
CA PRO A 130 -1.79 55.21 -30.77
C PRO A 130 -2.77 54.66 -31.79
N LEU A 131 -3.99 54.36 -31.33
CA LEU A 131 -5.11 54.08 -32.19
C LEU A 131 -6.04 55.28 -32.12
N ALA A 132 -5.97 56.10 -33.16
CA ALA A 132 -6.44 57.46 -33.07
C ALA A 132 -7.94 57.48 -33.33
N PRO A 133 -8.73 58.16 -32.45
CA PRO A 133 -10.16 58.38 -32.72
C PRO A 133 -10.40 59.35 -33.87
N SER A 134 -11.48 59.12 -34.66
CA SER A 134 -11.78 59.93 -35.85
C SER A 134 -12.95 60.88 -35.60
N SER A 135 -14.12 60.30 -35.29
CA SER A 135 -15.37 61.02 -35.11
C SER A 135 -16.04 60.56 -33.80
N GLY A 141 -22.72 60.51 -29.15
CA GLY A 141 -22.38 59.07 -29.19
C GLY A 141 -21.02 58.77 -28.56
N THR A 142 -20.54 57.54 -28.73
CA THR A 142 -19.28 57.11 -28.13
C THR A 142 -18.22 56.92 -29.20
N ALA A 143 -16.98 57.30 -28.87
CA ALA A 143 -15.84 57.06 -29.75
C ALA A 143 -14.96 56.00 -29.13
N ALA A 144 -14.09 55.41 -29.96
CA ALA A 144 -13.12 54.41 -29.55
C ALA A 144 -11.71 54.91 -29.84
N LEU A 145 -10.82 54.70 -28.86
CA LEU A 145 -9.40 54.95 -29.05
C LEU A 145 -8.62 53.81 -28.43
N GLY A 146 -7.32 53.76 -28.69
CA GLY A 146 -6.50 52.70 -28.15
C GLY A 146 -5.00 52.91 -28.34
N CYS A 147 -4.27 51.85 -27.99
CA CYS A 147 -2.86 51.70 -28.29
C CYS A 147 -2.59 50.31 -28.85
N LEU A 148 -1.82 50.27 -29.95
CA LEU A 148 -1.33 49.03 -30.51
C LEU A 148 0.07 48.77 -29.96
N VAL A 149 0.24 47.64 -29.26
CA VAL A 149 1.49 47.27 -28.64
C VAL A 149 2.12 46.17 -29.48
N LYS A 150 3.17 46.51 -30.24
CA LYS A 150 3.69 45.68 -31.30
C LYS A 150 5.13 45.22 -31.08
N ASP A 151 5.39 43.99 -31.57
CA ASP A 151 6.72 43.43 -31.74
C ASP A 151 7.42 43.31 -30.39
N TYR A 152 6.91 42.43 -29.53
CA TYR A 152 7.55 42.18 -28.25
C TYR A 152 7.65 40.67 -28.01
N PHE A 153 8.63 40.30 -27.18
CA PHE A 153 8.82 38.92 -26.78
C PHE A 153 9.70 38.98 -25.54
N PRO A 154 9.37 38.25 -24.45
CA PRO A 154 8.20 37.35 -24.39
C PRO A 154 6.93 38.03 -23.88
N GLU A 155 5.87 37.23 -23.68
CA GLU A 155 4.68 37.66 -22.96
C GLU A 155 4.98 37.71 -21.46
N PRO A 156 4.26 38.48 -20.61
CA PRO A 156 3.18 39.38 -21.00
C PRO A 156 3.51 40.88 -21.05
N VAL A 157 2.56 41.64 -21.59
CA VAL A 157 2.54 43.10 -21.47
C VAL A 157 1.34 43.49 -20.62
N THR A 158 1.50 44.63 -19.94
CA THR A 158 0.52 45.19 -19.00
C THR A 158 0.07 46.56 -19.51
N VAL A 159 -1.24 46.70 -19.75
CA VAL A 159 -1.80 47.96 -20.21
C VAL A 159 -2.83 48.45 -19.22
N SER A 160 -2.64 49.69 -18.77
CA SER A 160 -3.63 50.46 -18.03
C SER A 160 -3.97 51.73 -18.81
N TRP A 161 -4.94 52.49 -18.29
CA TRP A 161 -5.26 53.79 -18.86
C TRP A 161 -5.31 54.84 -17.76
N ASN A 162 -4.68 55.99 -18.02
CA ASN A 162 -4.67 57.10 -17.08
C ASN A 162 -4.26 56.64 -15.69
N SER A 163 -3.25 55.75 -15.65
CA SER A 163 -2.57 55.28 -14.44
C SER A 163 -3.50 54.45 -13.54
N GLY A 164 -4.59 53.93 -14.12
CA GLY A 164 -5.56 53.15 -13.39
C GLY A 164 -6.91 53.86 -13.39
N ALA A 165 -6.87 55.19 -13.51
CA ALA A 165 -8.04 56.03 -13.35
C ALA A 165 -9.20 55.49 -14.19
N LEU A 166 -8.87 54.88 -15.33
CA LEU A 166 -9.81 54.66 -16.40
C LEU A 166 -9.92 53.17 -16.71
N THR A 167 -10.94 52.52 -16.14
CA THR A 167 -11.10 51.09 -16.33
C THR A 167 -12.35 50.81 -17.17
N SER A 168 -13.40 51.63 -17.06
CA SER A 168 -14.63 51.42 -17.80
C SER A 168 -14.39 51.48 -19.32
N GLY A 169 -14.88 50.45 -20.02
CA GLY A 169 -14.93 50.46 -21.46
C GLY A 169 -13.67 49.84 -22.07
N VAL A 170 -12.73 49.44 -21.21
CA VAL A 170 -11.43 48.97 -21.64
C VAL A 170 -11.53 47.49 -22.02
N HIS A 171 -10.97 47.20 -23.19
CA HIS A 171 -10.66 45.85 -23.61
C HIS A 171 -9.18 45.78 -23.99
N THR A 172 -8.41 45.01 -23.23
CA THR A 172 -7.10 44.61 -23.67
C THR A 172 -7.22 43.20 -24.26
N PHE A 173 -6.96 43.12 -25.57
CA PHE A 173 -7.08 41.86 -26.29
C PHE A 173 -5.92 40.92 -25.96
N PRO A 174 -6.15 39.60 -26.00
CA PRO A 174 -5.06 38.61 -26.08
C PRO A 174 -4.01 38.97 -27.12
N ALA A 175 -2.75 38.81 -26.73
CA ALA A 175 -1.67 38.96 -27.68
C ALA A 175 -1.85 37.91 -28.77
N VAL A 176 -1.48 38.29 -29.99
CA VAL A 176 -1.42 37.38 -31.12
C VAL A 176 0.03 37.26 -31.56
N LEU A 177 0.41 36.04 -31.93
CA LEU A 177 1.79 35.74 -32.29
C LEU A 177 1.98 35.86 -33.80
N GLN A 178 2.85 36.75 -34.23
CA GLN A 178 3.02 37.03 -35.66
C GLN A 178 4.05 36.10 -36.27
N SER A 179 4.12 36.11 -37.62
CA SER A 179 5.11 35.37 -38.38
C SER A 179 6.49 35.58 -37.79
N SER A 180 6.86 36.84 -37.51
CA SER A 180 8.18 37.19 -37.00
C SER A 180 8.52 36.43 -35.69
N GLY A 181 7.49 35.82 -35.09
CA GLY A 181 7.63 35.20 -33.77
C GLY A 181 7.62 36.25 -32.65
N LEU A 182 7.04 37.42 -32.94
CA LEU A 182 6.85 38.47 -31.94
C LEU A 182 5.36 38.65 -31.67
N TYR A 183 5.02 38.94 -30.42
CA TYR A 183 3.63 39.14 -30.05
C TYR A 183 3.14 40.53 -30.48
N SER A 184 1.83 40.73 -30.38
CA SER A 184 1.17 41.99 -30.67
C SER A 184 -0.27 41.97 -30.16
N LEU A 185 -0.62 43.00 -29.40
CA LEU A 185 -2.01 43.21 -29.01
C LEU A 185 -2.38 44.68 -29.20
N SER A 186 -3.65 44.98 -28.98
CA SER A 186 -4.06 46.34 -28.68
C SER A 186 -4.96 46.36 -27.45
N SER A 187 -4.88 47.48 -26.74
CA SER A 187 -5.84 47.87 -25.75
C SER A 187 -6.64 49.02 -26.34
N VAL A 188 -7.97 48.93 -26.23
CA VAL A 188 -8.88 49.97 -26.69
C VAL A 188 -9.79 50.39 -25.55
N VAL A 189 -10.49 51.50 -25.76
CA VAL A 189 -11.53 51.93 -24.84
C VAL A 189 -12.55 52.79 -25.57
N THR A 190 -13.81 52.61 -25.21
CA THR A 190 -14.87 53.51 -25.61
C THR A 190 -15.05 54.60 -24.55
N VAL A 191 -15.30 55.80 -25.06
CA VAL A 191 -15.45 57.00 -24.25
C VAL A 191 -16.50 57.85 -24.95
N PRO A 192 -17.13 58.81 -24.23
CA PRO A 192 -18.10 59.72 -24.85
C PRO A 192 -17.37 60.63 -25.85
N SER A 193 -17.99 60.86 -27.01
CA SER A 193 -17.35 61.66 -28.06
C SER A 193 -17.04 63.06 -27.55
N SER A 194 -17.87 63.55 -26.60
CA SER A 194 -17.79 64.91 -26.08
C SER A 194 -16.69 65.02 -25.02
N SER A 195 -15.92 63.94 -24.85
CA SER A 195 -14.77 63.92 -23.97
C SER A 195 -13.48 64.16 -24.77
N LEU A 196 -13.53 63.94 -26.10
CA LEU A 196 -12.34 63.69 -26.89
C LEU A 196 -11.28 64.78 -26.72
N GLY A 197 -11.66 66.04 -26.96
CA GLY A 197 -10.71 67.13 -26.84
C GLY A 197 -10.78 67.81 -25.47
N THR A 198 -11.01 67.04 -24.41
CA THR A 198 -11.28 67.62 -23.10
C THR A 198 -10.58 66.77 -22.03
N GLN A 199 -10.88 65.47 -22.01
CA GLN A 199 -10.13 64.54 -21.19
C GLN A 199 -8.81 64.17 -21.89
N THR A 200 -7.80 63.80 -21.09
CA THR A 200 -6.52 63.37 -21.63
C THR A 200 -6.43 61.84 -21.50
N TYR A 201 -6.16 61.18 -22.63
CA TYR A 201 -6.17 59.71 -22.71
C TYR A 201 -4.78 59.15 -22.96
N ILE A 202 -4.16 58.61 -21.90
CA ILE A 202 -2.83 58.05 -21.99
C ILE A 202 -2.92 56.57 -21.69
N CYS A 203 -2.25 55.76 -22.52
CA CYS A 203 -2.18 54.34 -22.24
C CYS A 203 -0.78 54.02 -21.72
N ASN A 204 -0.75 53.23 -20.63
CA ASN A 204 0.48 52.86 -19.95
C ASN A 204 0.78 51.38 -20.18
N VAL A 205 1.89 51.13 -20.88
CA VAL A 205 2.29 49.80 -21.25
C VAL A 205 3.51 49.37 -20.44
N ASN A 206 3.44 48.20 -19.80
CA ASN A 206 4.59 47.68 -19.10
C ASN A 206 4.95 46.31 -19.68
N HIS A 207 6.19 46.22 -20.16
CA HIS A 207 6.82 44.97 -20.51
C HIS A 207 8.02 44.80 -19.60
N LYS A 208 7.84 44.02 -18.53
CA LYS A 208 8.86 43.88 -17.49
C LYS A 208 10.08 43.13 -18.04
N PRO A 209 9.89 42.03 -18.80
CA PRO A 209 11.02 41.31 -19.41
C PRO A 209 12.03 42.14 -20.17
N SER A 210 11.62 43.29 -20.73
CA SER A 210 12.51 44.13 -21.52
C SER A 210 12.82 45.44 -20.81
N ASN A 211 12.21 45.63 -19.65
CA ASN A 211 12.40 46.82 -18.83
C ASN A 211 11.88 48.07 -19.55
N THR A 212 10.75 47.96 -20.28
CA THR A 212 10.18 49.13 -20.92
C THR A 212 8.82 49.42 -20.30
N LYS A 213 8.68 50.67 -19.80
CA LYS A 213 7.41 51.26 -19.43
C LYS A 213 7.23 52.48 -20.32
N VAL A 214 6.17 52.48 -21.15
CA VAL A 214 5.90 53.66 -21.95
C VAL A 214 4.47 54.11 -21.69
N ASP A 215 4.31 55.44 -21.76
CA ASP A 215 3.03 56.12 -21.65
C ASP A 215 2.80 56.86 -22.96
N LYS A 216 1.83 56.41 -23.76
CA LYS A 216 1.51 57.08 -25.00
C LYS A 216 0.20 57.86 -24.83
N LYS A 217 0.20 59.13 -25.24
CA LYS A 217 -0.97 59.98 -25.21
C LYS A 217 -1.68 59.87 -26.56
N VAL A 218 -2.99 59.61 -26.53
CA VAL A 218 -3.77 59.42 -27.74
C VAL A 218 -4.62 60.67 -27.97
N GLU A 219 -4.34 61.35 -29.08
CA GLU A 219 -5.05 62.55 -29.51
C GLU A 219 -5.91 62.23 -30.73
N PRO A 220 -7.01 62.97 -31.01
CA PRO A 220 -7.58 63.01 -32.37
C PRO A 220 -6.51 63.51 -33.34
N LYS A 221 -6.22 62.68 -34.35
CA LYS A 221 -4.98 62.79 -35.13
C LYS A 221 -4.64 64.26 -35.41
N ALA B 1 -2.22 7.35 -11.12
CA ALA B 1 -2.90 8.63 -10.78
C ALA B 1 -4.40 8.40 -10.85
N ILE B 2 -5.14 9.10 -10.00
CA ILE B 2 -6.58 9.11 -10.07
C ILE B 2 -7.00 10.12 -11.14
N GLN B 3 -7.70 9.64 -12.17
CA GLN B 3 -8.32 10.47 -13.21
C GLN B 3 -9.66 10.98 -12.71
N LEU B 4 -9.93 12.26 -12.98
CA LEU B 4 -11.23 12.90 -12.78
C LEU B 4 -11.75 13.37 -14.13
N THR B 5 -12.98 12.93 -14.47
CA THR B 5 -13.66 13.30 -15.69
C THR B 5 -14.88 14.14 -15.34
N GLN B 6 -14.90 15.36 -15.88
CA GLN B 6 -15.98 16.30 -15.63
C GLN B 6 -16.98 16.25 -16.78
N SER B 7 -18.29 16.25 -16.48
CA SER B 7 -19.24 16.33 -17.58
C SER B 7 -20.18 17.54 -17.40
N PRO B 8 -20.44 18.33 -18.47
CA PRO B 8 -19.76 18.23 -19.75
C PRO B 8 -18.44 18.94 -19.62
N SER B 9 -17.74 19.12 -20.75
CA SER B 9 -16.54 19.93 -20.78
C SER B 9 -16.83 21.39 -21.15
N SER B 10 -17.93 21.66 -21.86
CA SER B 10 -18.33 23.03 -22.19
C SER B 10 -19.85 23.16 -22.15
N LEU B 11 -20.35 24.34 -21.73
CA LEU B 11 -21.78 24.61 -21.77
C LEU B 11 -22.12 26.10 -21.92
N SER B 12 -23.16 26.37 -22.72
CA SER B 12 -23.87 27.63 -22.80
C SER B 12 -25.06 27.55 -21.86
N ALA B 13 -25.29 28.60 -21.08
CA ALA B 13 -26.49 28.64 -20.24
C ALA B 13 -26.97 30.08 -20.02
N SER B 14 -28.26 30.22 -19.70
CA SER B 14 -28.90 31.52 -19.55
C SER B 14 -28.79 31.98 -18.10
N VAL B 15 -28.86 33.30 -17.87
CA VAL B 15 -28.89 33.83 -16.51
C VAL B 15 -30.11 33.25 -15.82
N GLY B 16 -29.95 32.83 -14.55
CA GLY B 16 -31.09 32.33 -13.78
C GLY B 16 -31.27 30.81 -13.88
N ASP B 17 -30.67 30.21 -14.92
CA ASP B 17 -30.64 28.78 -15.15
C ASP B 17 -29.83 28.08 -14.07
N ARG B 18 -30.14 26.81 -13.86
CA ARG B 18 -29.43 25.95 -12.92
C ARG B 18 -28.47 25.07 -13.71
N VAL B 19 -27.18 25.07 -13.30
CA VAL B 19 -26.13 24.34 -13.98
C VAL B 19 -25.49 23.36 -13.00
N THR B 20 -25.51 22.06 -13.34
CA THR B 20 -24.78 21.07 -12.59
C THR B 20 -23.65 20.49 -13.44
N ILE B 21 -22.45 20.48 -12.83
CA ILE B 21 -21.26 19.84 -13.36
C ILE B 21 -20.91 18.65 -12.45
N THR B 22 -20.47 17.54 -13.07
CA THR B 22 -20.17 16.29 -12.39
C THR B 22 -18.67 16.03 -12.49
N CYS B 23 -18.14 15.32 -11.50
CA CYS B 23 -16.75 14.95 -11.48
C CYS B 23 -16.68 13.48 -11.11
N ARG B 24 -16.35 12.60 -12.08
CA ARG B 24 -16.24 11.18 -11.81
C ARG B 24 -14.78 10.84 -11.54
N ALA B 25 -14.53 10.20 -10.41
CA ALA B 25 -13.20 9.72 -10.06
C ALA B 25 -13.02 8.29 -10.56
N SER B 26 -11.82 8.02 -11.08
CA SER B 26 -11.43 6.70 -11.56
C SER B 26 -11.39 5.70 -10.40
N GLN B 27 -11.31 6.19 -9.17
CA GLN B 27 -11.31 5.36 -7.96
C GLN B 27 -12.00 6.15 -6.86
N GLY B 28 -12.44 5.46 -5.80
CA GLY B 28 -12.99 6.13 -4.64
C GLY B 28 -11.96 7.11 -4.10
N ILE B 29 -12.42 8.33 -3.73
CA ILE B 29 -11.59 9.38 -3.15
C ILE B 29 -12.28 9.92 -1.89
N SER B 30 -13.22 9.13 -1.36
CA SER B 30 -13.92 9.43 -0.12
C SER B 30 -14.70 10.73 -0.23
N SER B 31 -14.31 11.77 0.53
CA SER B 31 -14.91 13.09 0.41
C SER B 31 -13.90 14.11 -0.09
N ALA B 32 -12.65 13.68 -0.28
CA ALA B 32 -11.56 14.58 -0.58
C ALA B 32 -11.63 15.06 -2.03
N LEU B 33 -12.68 15.85 -2.32
CA LEU B 33 -12.81 16.57 -3.56
C LEU B 33 -12.91 18.07 -3.23
N ALA B 34 -12.28 18.89 -4.08
CA ALA B 34 -12.44 20.33 -4.01
C ALA B 34 -12.88 20.80 -5.37
N TRP B 35 -13.54 21.96 -5.42
CA TRP B 35 -13.91 22.63 -6.66
C TRP B 35 -13.32 24.04 -6.67
N TYR B 36 -12.81 24.45 -7.85
CA TYR B 36 -12.22 25.77 -8.06
C TYR B 36 -12.95 26.43 -9.23
N GLN B 37 -12.96 27.77 -9.21
CA GLN B 37 -13.43 28.61 -10.30
C GLN B 37 -12.25 29.41 -10.81
N GLN B 38 -11.98 29.35 -12.11
CA GLN B 38 -10.94 30.17 -12.69
C GLN B 38 -11.51 31.13 -13.73
N LYS B 39 -11.32 32.43 -13.45
CA LYS B 39 -11.67 33.48 -14.40
C LYS B 39 -10.42 33.72 -15.27
N PRO B 40 -10.57 34.16 -16.53
CA PRO B 40 -9.42 34.33 -17.42
C PRO B 40 -8.29 35.22 -16.89
N GLY B 41 -7.06 34.70 -16.98
CA GLY B 41 -5.87 35.40 -16.53
C GLY B 41 -5.75 35.44 -15.00
N LYS B 42 -6.62 34.70 -14.29
CA LYS B 42 -6.61 34.70 -12.83
C LYS B 42 -6.37 33.27 -12.36
N ALA B 43 -5.96 33.14 -11.09
CA ALA B 43 -5.69 31.83 -10.54
C ALA B 43 -7.00 31.15 -10.17
N PRO B 44 -7.07 29.82 -10.11
CA PRO B 44 -8.24 29.17 -9.51
C PRO B 44 -8.56 29.70 -8.11
N LYS B 45 -9.85 29.77 -7.84
CA LYS B 45 -10.39 30.29 -6.60
C LYS B 45 -11.23 29.15 -6.00
N LEU B 46 -10.88 28.78 -4.79
CA LEU B 46 -11.63 27.79 -4.04
C LEU B 46 -13.09 28.21 -3.92
N LEU B 47 -13.98 27.29 -4.29
CA LEU B 47 -15.40 27.38 -4.00
C LEU B 47 -15.78 26.40 -2.90
N ILE B 48 -15.30 25.15 -2.97
CA ILE B 48 -15.82 24.06 -2.15
C ILE B 48 -14.72 23.08 -1.77
N TYR B 49 -14.75 22.64 -0.51
CA TYR B 49 -13.76 21.71 0.01
C TYR B 49 -14.48 20.58 0.76
N ASP B 50 -13.89 19.38 0.75
CA ASP B 50 -14.49 18.18 1.35
C ASP B 50 -15.85 17.93 0.72
N ALA B 51 -15.92 18.04 -0.61
CA ALA B 51 -17.07 17.69 -1.44
C ALA B 51 -18.23 18.67 -1.33
N SER B 52 -18.59 19.14 -0.11
CA SER B 52 -19.84 19.86 0.10
C SER B 52 -19.74 21.07 1.04
N ASN B 53 -18.61 21.25 1.76
CA ASN B 53 -18.41 22.43 2.59
C ASN B 53 -18.11 23.61 1.65
N LEU B 54 -18.97 24.63 1.69
CA LEU B 54 -18.80 25.82 0.87
C LEU B 54 -17.82 26.80 1.54
N GLU B 55 -16.86 27.28 0.76
CA GLU B 55 -15.82 28.16 1.27
C GLU B 55 -16.42 29.48 1.74
N SER B 56 -16.04 29.91 2.94
CA SER B 56 -16.40 31.22 3.47
C SER B 56 -16.15 32.31 2.43
N GLY B 57 -17.15 33.17 2.20
CA GLY B 57 -16.98 34.25 1.25
C GLY B 57 -17.65 33.94 -0.09
N VAL B 58 -17.84 32.66 -0.39
CA VAL B 58 -18.42 32.25 -1.66
C VAL B 58 -19.95 32.28 -1.52
N PRO B 59 -20.66 32.69 -2.59
CA PRO B 59 -22.13 32.74 -2.58
C PRO B 59 -22.82 31.38 -2.44
N SER B 60 -24.02 31.39 -1.84
CA SER B 60 -24.72 30.18 -1.46
C SER B 60 -25.38 29.52 -2.66
N ARG B 61 -25.46 30.25 -3.79
CA ARG B 61 -25.96 29.67 -5.03
C ARG B 61 -25.08 28.50 -5.43
N PHE B 62 -23.85 28.45 -4.89
CA PHE B 62 -22.89 27.40 -5.20
C PHE B 62 -22.98 26.31 -4.14
N SER B 63 -23.11 25.05 -4.56
CA SER B 63 -23.20 23.96 -3.60
C SER B 63 -22.49 22.72 -4.14
N GLY B 64 -22.03 21.87 -3.22
CA GLY B 64 -21.27 20.67 -3.55
C GLY B 64 -21.89 19.41 -2.93
N SER B 65 -21.74 18.27 -3.61
CA SER B 65 -22.30 17.01 -3.12
C SER B 65 -21.64 15.84 -3.81
N GLY B 66 -21.86 14.65 -3.23
CA GLY B 66 -21.29 13.42 -3.75
C GLY B 66 -20.30 12.83 -2.75
N SER B 67 -19.82 11.63 -3.10
CA SER B 67 -18.92 10.84 -2.28
C SER B 67 -18.40 9.70 -3.15
N GLY B 68 -17.32 9.04 -2.72
CA GLY B 68 -16.72 7.93 -3.46
C GLY B 68 -16.18 8.36 -4.82
N THR B 69 -16.98 8.09 -5.86
CA THR B 69 -16.59 8.13 -7.26
C THR B 69 -17.30 9.25 -8.03
N ASP B 70 -18.46 9.72 -7.55
CA ASP B 70 -19.30 10.68 -8.26
C ASP B 70 -19.52 11.93 -7.41
N PHE B 71 -19.23 13.09 -8.00
CA PHE B 71 -19.43 14.39 -7.36
C PHE B 71 -20.17 15.31 -8.33
N THR B 72 -20.86 16.32 -7.76
CA THR B 72 -21.51 17.35 -8.54
C THR B 72 -21.25 18.70 -7.88
N LEU B 73 -20.96 19.70 -8.74
CA LEU B 73 -21.01 21.12 -8.41
C LEU B 73 -22.26 21.71 -9.07
N THR B 74 -23.11 22.36 -8.27
CA THR B 74 -24.37 22.91 -8.77
C THR B 74 -24.39 24.42 -8.53
N ILE B 75 -24.75 25.16 -9.59
CA ILE B 75 -25.02 26.61 -9.53
C ILE B 75 -26.52 26.81 -9.75
N SER B 76 -27.24 27.23 -8.70
CA SER B 76 -28.70 27.16 -8.67
C SER B 76 -29.34 28.36 -9.36
N SER B 77 -28.54 29.37 -9.68
CA SER B 77 -29.01 30.49 -10.50
C SER B 77 -27.87 31.27 -11.11
N LEU B 78 -27.52 30.91 -12.35
CA LEU B 78 -26.32 31.42 -12.98
C LEU B 78 -26.45 32.92 -13.14
N GLN B 79 -25.55 33.65 -12.49
CA GLN B 79 -25.35 35.06 -12.73
C GLN B 79 -24.24 35.25 -13.78
N PRO B 80 -24.16 36.42 -14.46
CA PRO B 80 -23.13 36.64 -15.49
C PRO B 80 -21.68 36.61 -15.03
N GLU B 81 -21.43 36.86 -13.73
CA GLU B 81 -20.06 36.88 -13.25
C GLU B 81 -19.62 35.45 -12.97
N ASP B 82 -20.41 34.46 -13.42
CA ASP B 82 -20.09 33.06 -13.23
C ASP B 82 -19.38 32.48 -14.45
N PHE B 83 -19.39 33.20 -15.58
CA PHE B 83 -18.52 32.85 -16.69
C PHE B 83 -17.12 32.53 -16.19
N ALA B 84 -16.64 31.31 -16.48
CA ALA B 84 -15.40 30.80 -15.92
C ALA B 84 -15.21 29.35 -16.32
N THR B 85 -14.04 28.79 -15.97
CA THR B 85 -13.81 27.37 -16.09
C THR B 85 -13.85 26.81 -14.66
N TYR B 86 -14.58 25.71 -14.46
CA TYR B 86 -14.66 25.09 -13.14
C TYR B 86 -13.84 23.79 -13.16
N TYR B 87 -13.07 23.57 -12.09
CA TYR B 87 -12.21 22.42 -11.95
C TYR B 87 -12.50 21.72 -10.63
N CYS B 88 -12.61 20.40 -10.66
CA CYS B 88 -12.56 19.62 -9.43
C CYS B 88 -11.14 19.10 -9.25
N GLN B 89 -10.68 18.94 -8.01
CA GLN B 89 -9.47 18.16 -7.78
C GLN B 89 -9.64 17.30 -6.54
N GLN B 90 -8.90 16.19 -6.55
CA GLN B 90 -8.93 15.26 -5.44
C GLN B 90 -7.61 15.38 -4.69
N PHE B 91 -7.67 15.18 -3.36
CA PHE B 91 -6.51 15.14 -2.51
C PHE B 91 -6.63 13.94 -1.56
N ASN B 92 -7.21 12.86 -2.12
CA ASN B 92 -7.17 11.55 -1.51
C ASN B 92 -5.84 10.86 -1.83
N SER B 93 -5.32 11.06 -3.05
CA SER B 93 -3.97 10.63 -3.40
C SER B 93 -3.19 11.83 -3.91
N TYR B 94 -2.06 11.58 -4.58
CA TYR B 94 -1.29 12.69 -5.08
C TYR B 94 -2.24 13.49 -5.98
N PRO B 95 -2.24 14.83 -5.86
CA PRO B 95 -3.24 15.69 -6.48
C PRO B 95 -3.48 15.54 -7.98
N THR B 96 -4.73 15.41 -8.36
CA THR B 96 -5.12 15.46 -9.75
C THR B 96 -6.40 16.26 -9.91
N PHE B 97 -6.45 17.03 -11.01
CA PHE B 97 -7.59 17.84 -11.41
C PHE B 97 -8.29 17.20 -12.61
N GLY B 98 -9.56 17.58 -12.85
CA GLY B 98 -10.28 17.21 -14.06
C GLY B 98 -9.95 18.18 -15.19
N GLN B 99 -10.53 17.95 -16.37
CA GLN B 99 -10.15 18.70 -17.55
C GLN B 99 -10.64 20.15 -17.47
N GLY B 100 -11.54 20.45 -16.53
CA GLY B 100 -12.21 21.74 -16.49
C GLY B 100 -13.54 21.70 -17.25
N THR B 101 -14.47 22.55 -16.81
CA THR B 101 -15.74 22.72 -17.50
C THR B 101 -15.94 24.21 -17.78
N LYS B 102 -15.90 24.61 -19.06
CA LYS B 102 -16.07 25.99 -19.45
C LYS B 102 -17.56 26.29 -19.40
N VAL B 103 -17.89 27.43 -18.79
CA VAL B 103 -19.25 27.93 -18.68
C VAL B 103 -19.35 29.27 -19.41
N GLU B 104 -20.10 29.29 -20.51
CA GLU B 104 -20.44 30.51 -21.21
C GLU B 104 -21.84 30.96 -20.79
N ILE B 105 -22.10 32.28 -20.87
CA ILE B 105 -23.43 32.81 -20.66
C ILE B 105 -24.14 32.95 -22.02
N LYS B 106 -25.31 32.31 -22.15
CA LYS B 106 -26.22 32.58 -23.25
C LYS B 106 -26.94 33.88 -22.90
N ARG B 107 -27.03 34.79 -23.87
CA ARG B 107 -27.68 36.08 -23.67
C ARG B 107 -28.32 36.55 -24.99
N THR B 108 -29.01 37.70 -24.95
CA THR B 108 -29.66 38.23 -26.14
C THR B 108 -28.59 38.51 -27.18
N VAL B 109 -28.97 38.38 -28.45
CA VAL B 109 -28.15 38.82 -29.56
C VAL B 109 -27.92 40.33 -29.44
N ALA B 110 -26.70 40.73 -29.79
CA ALA B 110 -26.20 42.09 -29.60
C ALA B 110 -25.14 42.39 -30.66
N ALA B 111 -25.36 43.48 -31.39
CA ALA B 111 -24.57 43.80 -32.56
C ALA B 111 -23.31 44.55 -32.14
N PRO B 112 -22.20 44.37 -32.88
CA PRO B 112 -20.97 45.09 -32.58
C PRO B 112 -21.07 46.55 -33.00
N SER B 113 -20.60 47.45 -32.14
CA SER B 113 -20.11 48.72 -32.62
C SER B 113 -18.82 48.44 -33.40
N VAL B 114 -18.76 48.88 -34.67
CA VAL B 114 -17.56 48.71 -35.45
C VAL B 114 -16.83 50.06 -35.57
N PHE B 115 -15.49 50.00 -35.43
CA PHE B 115 -14.60 51.12 -35.71
C PHE B 115 -13.41 50.65 -36.52
N ILE B 116 -12.73 51.58 -37.21
CA ILE B 116 -11.51 51.29 -37.96
C ILE B 116 -10.51 52.40 -37.69
N PHE B 117 -9.22 52.03 -37.59
CA PHE B 117 -8.16 52.97 -37.25
C PHE B 117 -7.04 52.88 -38.28
N PRO B 118 -6.65 54.01 -38.89
CA PRO B 118 -5.48 54.02 -39.79
C PRO B 118 -4.16 53.72 -39.09
N PRO B 119 -3.08 53.41 -39.84
CA PRO B 119 -1.71 53.51 -39.32
C PRO B 119 -1.44 54.85 -38.67
N SER B 120 -0.81 54.83 -37.50
CA SER B 120 -0.20 56.03 -36.95
C SER B 120 1.00 56.44 -37.81
N ASP B 121 1.37 57.72 -37.75
CA ASP B 121 2.47 58.21 -38.56
C ASP B 121 3.78 57.63 -38.06
N GLU B 122 3.96 57.52 -36.73
CA GLU B 122 5.22 57.05 -36.19
C GLU B 122 5.49 55.65 -36.72
N GLN B 123 4.44 54.84 -36.81
CA GLN B 123 4.59 53.46 -37.26
C GLN B 123 5.11 53.46 -38.70
N LEU B 124 4.67 54.41 -39.51
CA LEU B 124 5.01 54.38 -40.93
C LEU B 124 6.49 54.72 -41.12
N LYS B 125 7.02 55.65 -40.31
CA LYS B 125 8.46 55.89 -40.24
C LYS B 125 9.19 54.56 -40.04
N SER B 126 8.61 53.69 -39.23
CA SER B 126 9.20 52.38 -38.96
C SER B 126 9.15 51.46 -40.19
N GLY B 127 8.29 51.73 -41.18
CA GLY B 127 8.29 50.97 -42.42
C GLY B 127 7.21 49.88 -42.51
N THR B 128 6.38 49.67 -41.47
CA THR B 128 5.23 48.77 -41.58
C THR B 128 3.93 49.51 -41.22
N ALA B 129 2.81 48.93 -41.63
CA ALA B 129 1.51 49.55 -41.44
C ALA B 129 0.50 48.53 -40.90
N SER B 130 -0.04 48.83 -39.72
CA SER B 130 -1.07 48.02 -39.11
C SER B 130 -2.39 48.79 -39.17
N VAL B 131 -3.40 48.22 -39.84
CA VAL B 131 -4.74 48.80 -39.84
C VAL B 131 -5.62 47.92 -38.95
N VAL B 132 -6.36 48.56 -38.05
CA VAL B 132 -7.06 47.82 -37.00
C VAL B 132 -8.56 48.07 -37.07
N CYS B 133 -9.33 46.99 -36.98
CA CYS B 133 -10.78 47.09 -36.91
C CYS B 133 -11.25 46.50 -35.58
N LEU B 134 -12.13 47.21 -34.88
CA LEU B 134 -12.60 46.82 -33.57
C LEU B 134 -14.09 46.51 -33.65
N LEU B 135 -14.44 45.27 -33.24
CA LEU B 135 -15.82 44.85 -33.06
C LEU B 135 -16.12 44.84 -31.57
N ASN B 136 -16.86 45.84 -31.10
CA ASN B 136 -17.03 46.06 -29.68
C ASN B 136 -18.41 45.57 -29.24
N ASN B 137 -18.37 44.77 -28.16
CA ASN B 137 -19.51 44.45 -27.31
C ASN B 137 -20.61 43.77 -28.13
N PHE B 138 -20.36 42.53 -28.53
CA PHE B 138 -21.28 41.85 -29.41
C PHE B 138 -21.53 40.44 -28.87
N TYR B 139 -22.64 39.83 -29.32
CA TYR B 139 -22.97 38.48 -28.89
C TYR B 139 -23.90 37.88 -29.94
N PRO B 140 -23.69 36.61 -30.37
CA PRO B 140 -22.63 35.72 -29.87
C PRO B 140 -21.24 35.89 -30.49
N ARG B 141 -20.31 35.00 -30.11
CA ARG B 141 -18.90 35.10 -30.45
C ARG B 141 -18.66 35.02 -31.96
N GLU B 142 -19.54 34.30 -32.67
CA GLU B 142 -19.41 34.05 -34.10
C GLU B 142 -19.51 35.35 -34.88
N ALA B 143 -18.47 35.67 -35.64
CA ALA B 143 -18.44 36.91 -36.40
C ALA B 143 -17.42 36.78 -37.52
N LYS B 144 -17.71 37.33 -38.69
CA LYS B 144 -16.74 37.38 -39.78
C LYS B 144 -16.27 38.83 -39.98
N VAL B 145 -14.94 39.00 -40.13
CA VAL B 145 -14.37 40.27 -40.54
C VAL B 145 -13.82 40.12 -41.95
N GLN B 146 -13.79 41.23 -42.69
CA GLN B 146 -13.25 41.17 -44.03
C GLN B 146 -12.60 42.51 -44.37
N TRP B 147 -11.38 42.42 -44.90
CA TRP B 147 -10.58 43.57 -45.26
C TRP B 147 -10.60 43.76 -46.77
N LYS B 148 -10.95 44.98 -47.21
CA LYS B 148 -10.98 45.34 -48.60
C LYS B 148 -10.08 46.58 -48.75
N VAL B 149 -9.11 46.49 -49.66
CA VAL B 149 -8.24 47.60 -49.98
C VAL B 149 -8.53 48.02 -51.42
N ASP B 150 -9.06 49.24 -51.59
CA ASP B 150 -9.61 49.71 -52.85
C ASP B 150 -10.50 48.63 -53.48
N ASN B 151 -11.39 48.05 -52.66
CA ASN B 151 -12.40 47.08 -53.09
C ASN B 151 -11.83 45.68 -53.34
N ALA B 152 -10.53 45.47 -53.10
CA ALA B 152 -9.93 44.14 -53.24
C ALA B 152 -10.08 43.35 -51.93
N LEU B 153 -10.69 42.15 -52.04
CA LEU B 153 -10.80 41.18 -50.95
C LEU B 153 -9.41 40.77 -50.50
N GLN B 154 -9.06 41.08 -49.24
CA GLN B 154 -7.75 40.73 -48.74
C GLN B 154 -7.80 39.33 -48.14
N SER B 155 -6.66 38.64 -48.18
CA SER B 155 -6.60 37.25 -47.77
C SER B 155 -5.21 36.94 -47.24
N GLY B 156 -5.13 36.62 -45.93
CA GLY B 156 -4.00 35.95 -45.31
C GLY B 156 -2.96 36.92 -44.74
N ASN B 157 -3.32 38.20 -44.72
CA ASN B 157 -2.48 39.25 -44.20
C ASN B 157 -3.20 39.89 -43.01
N SER B 158 -4.14 39.15 -42.39
CA SER B 158 -4.81 39.64 -41.20
C SER B 158 -4.75 38.61 -40.08
N GLN B 159 -5.00 39.06 -38.84
CA GLN B 159 -5.04 38.21 -37.67
C GLN B 159 -6.01 38.83 -36.68
N GLU B 160 -6.65 37.99 -35.87
CA GLU B 160 -7.69 38.45 -34.97
C GLU B 160 -7.42 37.94 -33.57
N SER B 161 -7.95 38.67 -32.60
CA SER B 161 -7.91 38.29 -31.21
C SER B 161 -9.29 38.59 -30.64
N VAL B 162 -9.73 37.82 -29.63
CA VAL B 162 -11.08 37.93 -29.09
C VAL B 162 -11.03 37.97 -27.57
N THR B 163 -11.80 38.88 -26.99
CA THR B 163 -11.83 39.07 -25.55
C THR B 163 -12.55 37.88 -24.93
N GLU B 164 -12.25 37.58 -23.68
CA GLU B 164 -13.06 36.62 -22.94
C GLU B 164 -14.40 37.29 -22.58
N GLN B 165 -15.46 36.48 -22.49
CA GLN B 165 -16.79 36.98 -22.17
C GLN B 165 -16.70 37.95 -21.00
N ASP B 166 -17.46 39.05 -21.10
CA ASP B 166 -17.44 40.08 -20.09
C ASP B 166 -18.23 39.62 -18.86
N SER B 167 -17.72 39.98 -17.68
CA SER B 167 -18.29 39.49 -16.44
C SER B 167 -19.64 40.17 -16.13
N LYS B 168 -19.93 41.34 -16.70
CA LYS B 168 -21.16 42.04 -16.36
C LYS B 168 -22.23 41.84 -17.43
N ASP B 169 -21.86 42.07 -18.69
CA ASP B 169 -22.82 42.20 -19.78
C ASP B 169 -22.68 41.07 -20.80
N SER B 170 -21.82 40.08 -20.49
CA SER B 170 -21.69 38.81 -21.20
C SER B 170 -21.47 39.00 -22.71
N THR B 171 -20.77 40.08 -23.09
CA THR B 171 -20.44 40.36 -24.48
C THR B 171 -19.02 39.88 -24.76
N TYR B 172 -18.72 39.75 -26.07
CA TYR B 172 -17.37 39.62 -26.61
C TYR B 172 -17.03 40.82 -27.48
N SER B 173 -15.74 41.15 -27.56
CA SER B 173 -15.22 42.11 -28.53
C SER B 173 -14.07 41.47 -29.33
N LEU B 174 -13.73 42.08 -30.46
CA LEU B 174 -12.78 41.47 -31.38
C LEU B 174 -11.87 42.55 -31.96
N SER B 175 -10.59 42.22 -32.19
CA SER B 175 -9.73 43.09 -32.97
C SER B 175 -9.21 42.30 -34.15
N SER B 176 -9.30 42.90 -35.34
CA SER B 176 -8.62 42.40 -36.52
C SER B 176 -7.52 43.37 -36.92
N THR B 177 -6.34 42.83 -37.23
CA THR B 177 -5.19 43.65 -37.60
C THR B 177 -4.70 43.21 -38.97
N LEU B 178 -4.88 44.13 -39.92
CA LEU B 178 -4.35 44.01 -41.27
C LEU B 178 -2.92 44.55 -41.28
N THR B 179 -1.98 43.72 -41.73
CA THR B 179 -0.58 44.10 -41.74
C THR B 179 -0.07 44.04 -43.17
N LEU B 180 0.57 45.12 -43.62
CA LEU B 180 1.18 45.20 -44.93
C LEU B 180 2.28 46.26 -44.87
N SER B 181 3.24 46.21 -45.80
CA SER B 181 4.35 47.15 -45.80
C SER B 181 3.85 48.57 -46.06
N LYS B 182 4.63 49.56 -45.60
CA LYS B 182 4.46 50.97 -45.93
C LYS B 182 4.37 51.13 -47.44
N ALA B 183 5.09 50.26 -48.16
CA ALA B 183 5.14 50.26 -49.62
C ALA B 183 3.76 50.01 -50.21
N ASP B 184 3.11 48.92 -49.80
CA ASP B 184 1.79 48.59 -50.32
C ASP B 184 0.74 49.55 -49.80
N TYR B 185 0.88 49.96 -48.54
CA TYR B 185 -0.10 50.84 -47.91
C TYR B 185 -0.30 52.12 -48.73
N GLU B 186 0.78 52.61 -49.35
CA GLU B 186 0.72 53.87 -50.07
C GLU B 186 0.25 53.67 -51.51
N LYS B 187 0.35 52.45 -52.03
CA LYS B 187 -0.21 52.17 -53.36
C LYS B 187 -1.73 52.27 -53.35
N HIS B 188 -2.39 52.36 -52.17
CA HIS B 188 -3.84 52.27 -52.13
C HIS B 188 -4.44 53.41 -51.31
N LYS B 189 -5.75 53.62 -51.48
CA LYS B 189 -6.44 54.76 -50.91
C LYS B 189 -7.52 54.33 -49.92
N VAL B 190 -8.45 53.48 -50.35
CA VAL B 190 -9.63 53.18 -49.56
C VAL B 190 -9.43 51.88 -48.79
N TYR B 191 -9.56 51.96 -47.46
CA TYR B 191 -9.34 50.84 -46.54
C TYR B 191 -10.64 50.56 -45.80
N ALA B 192 -11.16 49.33 -45.98
CA ALA B 192 -12.47 48.96 -45.48
C ALA B 192 -12.41 47.69 -44.64
N CYS B 193 -13.11 47.73 -43.52
CA CYS B 193 -13.37 46.56 -42.71
C CYS B 193 -14.87 46.26 -42.76
N GLU B 194 -15.23 45.04 -43.17
CA GLU B 194 -16.62 44.62 -43.28
C GLU B 194 -16.93 43.53 -42.26
N VAL B 195 -18.03 43.71 -41.53
CA VAL B 195 -18.40 42.88 -40.39
C VAL B 195 -19.77 42.26 -40.61
N THR B 196 -19.82 40.93 -40.50
CA THR B 196 -21.03 40.16 -40.66
C THR B 196 -21.30 39.46 -39.33
N HIS B 197 -22.45 39.77 -38.71
CA HIS B 197 -22.79 39.18 -37.42
C HIS B 197 -24.30 38.93 -37.39
N GLN B 198 -24.70 38.00 -36.51
CA GLN B 198 -26.08 37.55 -36.43
C GLN B 198 -27.03 38.70 -36.13
N GLY B 199 -26.57 39.68 -35.34
CA GLY B 199 -27.38 40.81 -34.94
C GLY B 199 -27.37 41.96 -35.94
N LEU B 200 -26.74 41.74 -37.11
CA LEU B 200 -26.71 42.71 -38.18
C LEU B 200 -27.53 42.17 -39.34
N SER B 201 -28.33 43.04 -39.95
CA SER B 201 -29.27 42.62 -40.97
C SER B 201 -28.55 42.55 -42.31
N SER B 202 -27.55 43.42 -42.46
CA SER B 202 -26.64 43.41 -43.60
C SER B 202 -25.24 43.79 -43.13
N PRO B 203 -24.16 43.29 -43.77
CA PRO B 203 -22.79 43.61 -43.36
C PRO B 203 -22.53 45.09 -43.15
N VAL B 204 -21.91 45.43 -42.01
CA VAL B 204 -21.53 46.81 -41.73
C VAL B 204 -20.10 47.03 -42.21
N THR B 205 -19.89 48.16 -42.89
CA THR B 205 -18.61 48.48 -43.48
C THR B 205 -18.17 49.85 -42.95
N LYS B 206 -17.07 49.89 -42.19
CA LYS B 206 -16.39 51.13 -41.88
C LYS B 206 -15.10 51.20 -42.70
N SER B 207 -14.65 52.43 -42.99
CA SER B 207 -13.53 52.67 -43.90
C SER B 207 -12.92 54.05 -43.69
N PHE B 208 -11.72 54.27 -44.26
CA PHE B 208 -11.14 55.60 -44.32
C PHE B 208 -10.35 55.75 -45.63
N ASN B 209 -10.08 57.01 -46.00
CA ASN B 209 -9.13 57.35 -47.05
C ASN B 209 -7.84 57.81 -46.39
N ARG B 210 -6.67 57.51 -46.97
CA ARG B 210 -5.42 58.03 -46.43
C ARG B 210 -5.31 59.54 -46.70
N GLY B 211 -5.53 60.38 -45.67
CA GLY B 211 -5.66 61.82 -45.84
C GLY B 211 -6.48 62.46 -44.72
N ALA C 5 -17.55 25.63 12.22
CA ALA C 5 -18.86 24.96 12.47
C ALA C 5 -18.72 23.79 13.46
N CYS C 6 -17.52 23.64 14.03
CA CYS C 6 -17.13 22.45 14.73
C CYS C 6 -16.19 22.85 15.87
N ARG C 7 -15.40 21.91 16.40
CA ARG C 7 -14.54 22.23 17.52
C ARG C 7 -13.10 22.22 17.04
N GLU C 8 -12.16 22.67 17.90
CA GLU C 8 -10.75 22.51 17.61
C GLU C 8 -10.46 21.02 17.60
N LYS C 9 -9.40 20.60 16.89
CA LYS C 9 -8.99 19.20 16.80
C LYS C 9 -10.09 18.32 16.20
N GLN C 10 -10.90 18.91 15.31
CA GLN C 10 -11.94 18.19 14.59
C GLN C 10 -12.11 18.78 13.19
N TYR C 11 -12.68 18.01 12.26
CA TYR C 11 -12.98 18.51 10.93
C TYR C 11 -14.33 17.99 10.45
N LEU C 12 -14.94 18.71 9.50
CA LEU C 12 -16.33 18.46 9.11
C LEU C 12 -16.40 17.70 7.80
N ILE C 13 -16.93 16.47 7.86
CA ILE C 13 -17.15 15.60 6.73
C ILE C 13 -18.61 15.14 6.77
N ASN C 14 -19.36 15.29 5.69
CA ASN C 14 -20.68 14.70 5.60
C ASN C 14 -21.54 15.13 6.80
N SER C 15 -21.46 16.42 7.14
CA SER C 15 -22.13 16.99 8.30
C SER C 15 -21.82 16.20 9.58
N GLN C 16 -20.62 15.61 9.63
CA GLN C 16 -20.18 14.80 10.77
C GLN C 16 -18.90 15.43 11.31
N CYS C 17 -18.86 15.66 12.62
CA CYS C 17 -17.72 16.34 13.19
C CYS C 17 -16.74 15.28 13.64
N CYS C 18 -15.68 15.12 12.83
CA CYS C 18 -14.72 14.05 12.95
C CYS C 18 -13.49 14.52 13.71
N SER C 19 -12.85 13.60 14.44
CA SER C 19 -11.65 13.96 15.15
C SER C 19 -10.45 13.91 14.21
N LEU C 20 -9.53 14.86 14.41
CA LEU C 20 -8.24 14.87 13.75
C LEU C 20 -7.35 13.85 14.45
N CYS C 21 -6.31 13.41 13.76
CA CYS C 21 -5.29 12.56 14.36
C CYS C 21 -4.33 13.41 15.20
N GLN C 22 -4.00 12.88 16.37
CA GLN C 22 -3.08 13.53 17.29
C GLN C 22 -1.67 13.52 16.71
N PRO C 23 -0.79 14.43 17.16
CA PRO C 23 0.59 14.41 16.71
C PRO C 23 1.08 12.99 16.93
N GLY C 24 1.99 12.53 16.05
CA GLY C 24 2.55 11.20 16.10
C GLY C 24 1.91 10.26 15.07
N GLN C 25 0.78 10.69 14.50
CA GLN C 25 -0.12 9.77 13.84
C GLN C 25 -0.84 10.41 12.67
N LYS C 26 -1.00 9.61 11.62
CA LYS C 26 -1.53 10.01 10.34
C LYS C 26 -2.92 9.42 10.12
N LEU C 27 -3.70 10.14 9.29
CA LEU C 27 -5.06 9.76 8.95
C LEU C 27 -5.05 8.54 8.05
N VAL C 28 -5.86 7.55 8.39
CA VAL C 28 -6.00 6.36 7.58
C VAL C 28 -7.37 6.39 6.93
N SER C 29 -8.42 6.70 7.70
CA SER C 29 -9.70 6.98 7.06
C SER C 29 -10.56 7.91 7.91
N ASP C 30 -11.37 8.69 7.21
CA ASP C 30 -12.20 9.72 7.83
C ASP C 30 -13.26 9.03 8.69
N CYS C 31 -13.75 9.74 9.69
CA CYS C 31 -14.87 9.26 10.48
C CYS C 31 -16.12 9.11 9.61
N THR C 32 -17.03 8.24 10.07
CA THR C 32 -18.40 8.19 9.57
C THR C 32 -19.31 8.46 10.76
N GLU C 33 -20.63 8.46 10.53
CA GLU C 33 -21.58 8.63 11.61
C GLU C 33 -21.36 7.56 12.68
N PHE C 34 -20.76 6.43 12.30
CA PHE C 34 -20.67 5.26 13.17
C PHE C 34 -19.23 4.87 13.49
N THR C 35 -18.25 5.42 12.79
CA THR C 35 -16.86 5.11 13.09
C THR C 35 -16.11 6.39 13.42
N GLU C 36 -15.23 6.31 14.41
CA GLU C 36 -14.29 7.36 14.73
C GLU C 36 -13.28 7.44 13.59
N THR C 37 -12.57 8.57 13.53
CA THR C 37 -11.45 8.70 12.61
C THR C 37 -10.42 7.61 12.93
N GLU C 38 -9.86 7.04 11.87
CA GLU C 38 -8.90 5.96 11.99
C GLU C 38 -7.51 6.52 11.71
N CYS C 39 -6.65 6.50 12.74
CA CYS C 39 -5.27 6.97 12.65
C CYS C 39 -4.30 5.84 13.03
N LEU C 40 -3.12 5.86 12.39
CA LEU C 40 -2.05 4.91 12.66
C LEU C 40 -0.76 5.67 12.91
N PRO C 41 0.28 5.11 13.57
CA PRO C 41 1.48 5.87 13.93
C PRO C 41 2.34 6.17 12.71
N CYS C 42 3.22 7.15 12.81
CA CYS C 42 4.22 7.39 11.78
C CYS C 42 5.39 6.43 11.95
N GLY C 43 5.99 6.02 10.82
CA GLY C 43 7.17 5.16 10.83
C GLY C 43 8.36 5.83 11.53
N GLU C 44 9.46 5.07 11.66
CA GLU C 44 10.58 5.42 12.53
C GLU C 44 11.25 6.71 12.06
N SER C 45 11.31 6.92 10.73
CA SER C 45 12.05 8.02 10.14
C SER C 45 11.13 9.17 9.73
N GLU C 46 9.85 9.08 10.08
CA GLU C 46 8.87 10.08 9.73
C GLU C 46 8.29 10.70 11.01
N PHE C 47 7.49 11.74 10.82
CA PHE C 47 6.90 12.43 11.96
C PHE C 47 5.73 13.28 11.50
N LEU C 48 5.00 13.76 12.48
CA LEU C 48 3.81 14.56 12.26
C LEU C 48 3.56 15.34 13.55
N ASP C 49 3.67 16.66 13.45
CA ASP C 49 3.91 17.49 14.62
C ASP C 49 2.69 18.31 15.00
N THR C 50 1.49 17.86 14.59
CA THR C 50 0.30 18.69 14.75
C THR C 50 -0.94 17.79 14.77
N TRP C 51 -2.06 18.31 15.27
CA TRP C 51 -3.32 17.60 15.07
C TRP C 51 -3.72 17.69 13.60
N ASN C 52 -3.76 16.53 12.92
CA ASN C 52 -3.70 16.50 11.46
C ASN C 52 -4.81 15.61 10.89
N ARG C 53 -5.06 15.80 9.60
CA ARG C 53 -5.70 14.83 8.74
C ARG C 53 -4.79 14.66 7.53
N GLU C 54 -3.49 14.58 7.80
CA GLU C 54 -2.48 14.30 6.78
C GLU C 54 -2.26 12.78 6.70
N THR C 55 -2.20 12.26 5.46
CA THR C 55 -2.12 10.83 5.19
C THR C 55 -0.68 10.36 5.00
N HIS C 56 0.26 11.27 4.74
CA HIS C 56 1.67 10.92 4.63
C HIS C 56 2.49 11.68 5.65
N CYS C 57 3.19 10.95 6.53
CA CYS C 57 4.04 11.58 7.52
C CYS C 57 5.20 12.31 6.85
N HIS C 58 5.56 13.47 7.41
CA HIS C 58 6.75 14.18 6.99
C HIS C 58 7.96 13.29 7.21
N GLN C 59 8.86 13.26 6.23
CA GLN C 59 10.14 12.61 6.39
C GLN C 59 10.97 13.45 7.35
N HIS C 60 11.74 12.79 8.23
CA HIS C 60 12.70 13.49 9.07
C HIS C 60 13.76 14.10 8.14
N LYS C 61 14.25 15.30 8.51
CA LYS C 61 15.42 15.90 7.88
C LYS C 61 16.55 14.88 7.79
N TYR C 62 17.24 14.80 6.64
CA TYR C 62 18.45 14.00 6.55
C TYR C 62 19.63 14.87 6.92
N CYS C 63 20.43 14.43 7.90
CA CYS C 63 21.63 15.15 8.27
C CYS C 63 22.79 14.63 7.41
N ASP C 64 22.94 15.21 6.22
CA ASP C 64 23.82 14.64 5.22
C ASP C 64 25.28 14.86 5.60
N PRO C 65 26.13 13.80 5.61
CA PRO C 65 27.56 13.99 5.90
C PRO C 65 28.24 14.77 4.79
N ASN C 66 27.65 14.74 3.60
CA ASN C 66 28.21 15.36 2.41
C ASN C 66 27.80 16.82 2.29
N LEU C 67 27.15 17.39 3.31
CA LEU C 67 26.87 18.83 3.34
C LEU C 67 27.31 19.41 4.67
N GLY C 68 28.11 18.63 5.42
CA GLY C 68 28.64 19.04 6.71
C GLY C 68 27.60 18.96 7.83
N LEU C 69 26.53 18.20 7.60
CA LEU C 69 25.50 18.02 8.62
C LEU C 69 25.81 16.78 9.45
N ARG C 70 25.42 16.82 10.72
CA ARG C 70 25.36 15.64 11.57
C ARG C 70 24.17 15.81 12.50
N VAL C 71 23.70 14.71 13.08
CA VAL C 71 22.52 14.76 13.92
C VAL C 71 22.90 15.44 15.23
N GLN C 72 21.96 16.22 15.76
CA GLN C 72 22.11 16.90 17.02
C GLN C 72 21.13 16.29 18.01
N GLN C 73 19.84 16.44 17.69
CA GLN C 73 18.76 15.78 18.39
C GLN C 73 18.08 14.87 17.36
N LYS C 74 17.72 13.65 17.78
CA LYS C 74 17.21 12.65 16.85
C LYS C 74 15.72 12.90 16.71
N GLY C 75 15.20 12.58 15.54
CA GLY C 75 13.78 12.76 15.28
C GLY C 75 12.95 11.94 16.26
N THR C 76 11.66 12.25 16.33
CA THR C 76 10.68 11.42 17.00
C THR C 76 9.46 11.32 16.09
N SER C 77 8.41 10.66 16.55
CA SER C 77 7.20 10.59 15.75
C SER C 77 6.51 11.95 15.72
N GLU C 78 6.85 12.84 16.67
CA GLU C 78 6.20 14.14 16.81
C GLU C 78 7.11 15.28 16.36
N THR C 79 8.44 15.07 16.29
CA THR C 79 9.39 16.16 16.05
C THR C 79 10.44 15.76 15.02
N ASP C 80 10.87 16.75 14.22
CA ASP C 80 11.83 16.55 13.16
C ASP C 80 13.22 16.31 13.76
N THR C 81 14.11 15.73 12.96
CA THR C 81 15.52 15.71 13.30
C THR C 81 16.03 17.15 13.30
N ILE C 82 16.89 17.48 14.28
CA ILE C 82 17.65 18.71 14.21
C ILE C 82 19.09 18.34 13.83
N CYS C 83 19.63 19.04 12.83
CA CYS C 83 21.01 18.86 12.41
C CYS C 83 21.88 19.98 12.99
N THR C 84 23.20 19.82 12.81
CA THR C 84 24.19 20.85 13.09
C THR C 84 25.43 20.54 12.26
N CYS C 85 26.42 21.42 12.26
CA CYS C 85 27.59 21.21 11.43
C CYS C 85 28.55 20.23 12.11
N GLU C 86 29.19 19.36 11.31
CA GLU C 86 30.30 18.54 11.79
C GLU C 86 31.47 19.43 12.17
N GLU C 87 32.39 18.86 12.97
CA GLU C 87 33.69 19.45 13.18
C GLU C 87 34.36 19.64 11.82
N GLY C 88 34.88 20.85 11.58
CA GLY C 88 35.54 21.17 10.32
C GLY C 88 34.64 21.95 9.35
N TRP C 89 33.45 22.36 9.82
CA TRP C 89 32.40 22.91 8.97
C TRP C 89 31.64 23.97 9.75
N HIS C 90 31.31 25.10 9.11
CA HIS C 90 30.62 26.20 9.79
C HIS C 90 29.31 26.56 9.08
N CYS C 91 28.41 27.25 9.80
CA CYS C 91 27.14 27.71 9.28
C CYS C 91 27.31 28.85 8.27
N THR C 92 26.54 28.75 7.17
CA THR C 92 26.56 29.70 6.07
C THR C 92 25.65 30.88 6.40
N SER C 93 24.69 30.66 7.32
CA SER C 93 23.77 31.69 7.79
C SER C 93 23.65 31.57 9.31
N GLU C 94 23.33 32.69 9.99
CA GLU C 94 23.13 32.68 11.43
C GLU C 94 21.94 31.78 11.76
N ALA C 95 21.07 31.57 10.77
CA ALA C 95 20.14 30.44 10.73
C ALA C 95 20.79 29.26 9.98
N CYS C 96 21.53 28.45 10.76
CA CYS C 96 22.34 27.34 10.28
C CYS C 96 21.50 26.33 9.50
N GLU C 97 21.43 26.49 8.16
CA GLU C 97 20.64 25.59 7.32
C GLU C 97 21.55 24.66 6.52
N SER C 98 22.73 25.16 6.10
CA SER C 98 23.75 24.29 5.54
C SER C 98 25.15 24.82 5.88
N CYS C 99 26.15 23.94 5.72
CA CYS C 99 27.45 24.11 6.33
C CYS C 99 28.56 24.18 5.26
N VAL C 100 29.44 25.19 5.42
CA VAL C 100 30.60 25.37 4.56
C VAL C 100 31.85 24.89 5.30
N LEU C 101 32.71 24.15 4.59
CA LEU C 101 33.95 23.69 5.17
C LEU C 101 34.82 24.91 5.53
N HIS C 102 35.37 24.90 6.76
CA HIS C 102 36.26 25.93 7.26
C HIS C 102 37.31 26.31 6.23
N ARG C 103 37.34 27.60 5.90
CA ARG C 103 38.33 28.20 5.01
C ARG C 103 39.70 28.21 5.68
N SER C 104 40.76 28.13 4.86
CA SER C 104 42.10 28.31 5.39
C SER C 104 42.69 29.62 4.86
N CYS C 105 43.91 29.93 5.30
CA CYS C 105 44.48 31.27 5.19
C CYS C 105 45.78 31.19 4.41
N SER C 106 45.72 31.68 3.17
CA SER C 106 46.79 31.58 2.17
C SER C 106 48.11 32.20 2.65
N PRO C 107 49.27 31.90 2.02
CA PRO C 107 50.56 32.44 2.45
C PRO C 107 50.57 33.98 2.46
N GLY C 108 51.27 34.55 3.45
CA GLY C 108 51.28 35.99 3.65
C GLY C 108 50.03 36.47 4.40
N PHE C 109 49.33 35.54 5.03
CA PHE C 109 48.24 35.88 5.93
C PHE C 109 48.25 34.87 7.08
N GLY C 110 47.85 35.33 8.26
CA GLY C 110 47.86 34.52 9.48
C GLY C 110 46.45 34.38 10.03
N VAL C 111 46.33 33.71 11.19
CA VAL C 111 45.03 33.29 11.71
C VAL C 111 44.65 34.14 12.93
N LYS C 112 43.63 34.98 12.73
CA LYS C 112 43.15 35.84 13.79
C LYS C 112 42.31 35.02 14.77
N GLN C 113 41.50 34.10 14.25
CA GLN C 113 40.51 33.43 15.07
C GLN C 113 40.09 32.16 14.37
N ILE C 114 40.27 31.02 15.05
CA ILE C 114 40.02 29.72 14.46
C ILE C 114 38.52 29.54 14.26
N ALA C 115 38.13 28.69 13.30
CA ALA C 115 36.74 28.47 12.97
C ALA C 115 35.98 27.87 14.15
N THR C 116 34.71 28.29 14.34
CA THR C 116 33.86 27.85 15.44
C THR C 116 33.10 26.60 15.02
N GLY C 117 32.53 26.62 13.82
CA GLY C 117 31.46 25.68 13.49
C GLY C 117 30.12 26.42 13.38
N VAL C 118 30.01 27.58 14.04
CA VAL C 118 29.00 28.57 13.68
C VAL C 118 29.70 29.82 13.13
N SER C 119 30.97 29.69 12.76
CA SER C 119 31.74 30.78 12.18
C SER C 119 33.05 30.26 11.59
N ASP C 120 33.52 31.02 10.58
CA ASP C 120 34.61 30.65 9.70
C ASP C 120 35.91 31.23 10.24
N THR C 121 37.02 30.72 9.71
CA THR C 121 38.34 31.19 10.09
C THR C 121 38.49 32.68 9.77
N ILE C 122 38.80 33.48 10.80
CA ILE C 122 39.06 34.90 10.62
C ILE C 122 40.57 35.08 10.45
N CYS C 123 40.91 35.91 9.48
CA CYS C 123 42.14 35.81 8.73
C CYS C 123 42.79 37.21 8.69
N GLU C 124 44.10 37.32 8.98
CA GLU C 124 44.70 38.66 9.09
C GLU C 124 45.94 38.81 8.22
N PRO C 125 46.15 40.02 7.66
CA PRO C 125 47.38 40.32 6.92
C PRO C 125 48.56 40.14 7.86
N CYS C 126 49.59 39.43 7.42
CA CYS C 126 50.78 39.31 8.23
C CYS C 126 51.57 40.61 8.17
N PRO C 127 51.72 41.33 9.30
CA PRO C 127 52.38 42.63 9.29
C PRO C 127 53.86 42.45 8.95
N VAL C 128 54.45 43.54 8.45
CA VAL C 128 55.87 43.65 8.23
C VAL C 128 56.62 43.02 9.39
N GLY C 129 57.53 42.10 9.09
CA GLY C 129 58.36 41.47 10.11
C GLY C 129 57.86 40.06 10.46
N PHE C 130 56.84 39.62 9.72
CA PHE C 130 56.13 38.40 10.01
C PHE C 130 55.81 37.71 8.69
N PHE C 131 55.61 36.39 8.75
CA PHE C 131 55.37 35.64 7.54
C PHE C 131 54.46 34.45 7.81
N SER C 132 53.74 34.01 6.78
CA SER C 132 53.13 32.69 6.74
C SER C 132 53.55 32.01 5.44
N ASN C 133 54.21 30.84 5.61
CA ASN C 133 54.87 30.06 4.57
C ASN C 133 53.86 29.32 3.70
N VAL C 134 52.74 28.91 4.31
CA VAL C 134 51.86 27.91 3.75
C VAL C 134 50.41 28.38 3.92
N SER C 135 49.44 27.53 3.54
CA SER C 135 48.04 27.81 3.82
C SER C 135 47.47 26.77 4.79
N SER C 136 47.05 27.21 5.97
CA SER C 136 46.36 26.36 6.93
C SER C 136 45.27 27.17 7.61
N ALA C 137 44.38 26.48 8.34
CA ALA C 137 43.29 27.11 9.08
C ALA C 137 43.69 27.38 10.52
N PHE C 138 44.97 27.13 10.84
CA PHE C 138 45.40 27.05 12.23
C PHE C 138 46.60 27.94 12.48
N GLU C 139 47.63 27.85 11.62
CA GLU C 139 48.91 28.47 11.94
C GLU C 139 48.78 29.97 11.72
N LYS C 140 49.52 30.72 12.53
CA LYS C 140 49.42 32.17 12.63
C LYS C 140 50.60 32.81 11.94
N CYS C 141 50.62 34.15 12.00
CA CYS C 141 51.81 34.92 11.62
C CYS C 141 52.95 34.62 12.60
N HIS C 142 54.14 34.32 12.07
CA HIS C 142 55.32 34.17 12.90
C HIS C 142 56.31 35.29 12.60
N PRO C 143 57.19 35.68 13.55
CA PRO C 143 58.33 36.54 13.26
C PRO C 143 59.39 35.89 12.38
N TRP C 144 60.11 36.72 11.62
CA TRP C 144 61.37 36.33 11.02
C TRP C 144 62.36 36.03 12.14
N THR C 145 63.12 34.93 12.02
CA THR C 145 64.18 34.64 12.97
C THR C 145 65.42 35.42 12.53
N SER C 146 66.39 35.55 13.45
CA SER C 146 67.64 36.25 13.18
C SER C 146 68.66 35.29 12.56
N CYS C 147 69.14 35.64 11.37
CA CYS C 147 70.28 34.99 10.74
C CYS C 147 71.60 35.52 11.38
N ALA C 157 66.47 38.16 2.94
CA ALA C 157 65.41 39.00 3.55
C ALA C 157 64.20 38.14 3.85
N GLY C 158 63.33 38.66 4.72
CA GLY C 158 62.01 38.07 4.92
C GLY C 158 60.98 38.80 4.07
N THR C 159 59.86 38.14 3.80
CA THR C 159 58.76 38.75 3.09
C THR C 159 57.48 38.39 3.85
N ASN C 160 56.35 38.91 3.37
CA ASN C 160 55.10 38.52 3.99
C ASN C 160 54.98 36.98 4.01
N LYS C 161 55.76 36.24 3.19
CA LYS C 161 55.55 34.81 3.01
C LYS C 161 56.82 33.96 3.13
N THR C 162 57.99 34.58 3.30
CA THR C 162 59.24 33.83 3.37
C THR C 162 60.12 34.41 4.48
N ASP C 163 60.94 33.56 5.09
CA ASP C 163 61.89 33.95 6.12
C ASP C 163 63.24 34.29 5.44
N LEU D 1 -10.68 -27.40 -2.76
CA LEU D 1 -9.22 -27.54 -2.55
C LEU D 1 -8.93 -27.83 -1.08
N GLN D 2 -8.62 -29.10 -0.80
CA GLN D 2 -8.40 -29.58 0.55
C GLN D 2 -7.01 -30.20 0.66
N LEU D 3 -6.44 -30.13 1.88
CA LEU D 3 -5.16 -30.72 2.24
C LEU D 3 -5.34 -31.65 3.43
N GLN D 4 -4.64 -32.80 3.43
CA GLN D 4 -4.73 -33.73 4.54
C GLN D 4 -3.32 -34.23 4.89
N GLU D 5 -2.86 -33.91 6.11
CA GLU D 5 -1.59 -34.46 6.54
C GLU D 5 -1.83 -35.87 7.10
N SER D 6 -0.84 -36.75 6.86
CA SER D 6 -0.82 -38.10 7.39
C SER D 6 0.59 -38.43 7.89
N GLY D 7 0.64 -39.31 8.90
CA GLY D 7 1.87 -39.67 9.57
C GLY D 7 1.55 -40.04 11.02
N PRO D 8 2.55 -40.47 11.81
CA PRO D 8 2.29 -41.22 13.04
C PRO D 8 1.99 -40.31 14.22
N GLY D 9 1.43 -40.88 15.28
CA GLY D 9 1.02 -40.07 16.41
C GLY D 9 2.18 -39.89 17.38
N LEU D 10 3.17 -40.78 17.29
CA LEU D 10 4.15 -41.01 18.33
C LEU D 10 5.48 -41.43 17.71
N LEU D 11 6.59 -40.88 18.24
CA LEU D 11 7.96 -41.26 17.87
C LEU D 11 8.82 -41.32 19.11
N LYS D 12 9.90 -42.09 19.01
CA LYS D 12 10.91 -42.08 20.06
C LYS D 12 11.89 -40.95 19.78
N PRO D 13 12.56 -40.37 20.80
CA PRO D 13 13.59 -39.37 20.57
C PRO D 13 14.74 -40.02 19.80
N SER D 14 15.27 -39.27 18.81
CA SER D 14 16.39 -39.66 17.97
C SER D 14 15.88 -39.99 16.56
N GLU D 15 14.58 -40.28 16.47
CA GLU D 15 14.02 -40.87 15.27
C GLU D 15 13.64 -39.76 14.30
N THR D 16 13.46 -40.11 13.02
CA THR D 16 13.16 -39.13 11.99
C THR D 16 11.66 -39.14 11.78
N LEU D 17 11.02 -37.98 11.99
CA LEU D 17 9.61 -37.79 11.71
C LEU D 17 9.40 -37.71 10.20
N SER D 18 8.36 -38.41 9.71
CA SER D 18 8.09 -38.50 8.28
C SER D 18 6.60 -38.23 8.02
N LEU D 19 6.28 -37.07 7.44
CA LEU D 19 4.93 -36.59 7.24
C LEU D 19 4.64 -36.43 5.75
N THR D 20 3.38 -36.66 5.36
CA THR D 20 2.95 -36.48 3.99
C THR D 20 1.69 -35.59 3.97
N CYS D 21 1.57 -34.77 2.91
CA CYS D 21 0.39 -33.94 2.68
C CYS D 21 -0.23 -34.33 1.36
N THR D 22 -1.53 -34.62 1.38
CA THR D 22 -2.27 -35.01 0.19
C THR D 22 -3.16 -33.85 -0.24
N VAL D 23 -2.96 -33.36 -1.45
CA VAL D 23 -3.80 -32.32 -1.99
C VAL D 23 -4.94 -32.98 -2.77
N SER D 24 -6.17 -32.89 -2.25
CA SER D 24 -7.37 -33.12 -3.03
C SER D 24 -7.88 -31.80 -3.61
N GLY D 25 -8.77 -31.88 -4.60
CA GLY D 25 -9.60 -30.75 -5.00
C GLY D 25 -8.84 -29.72 -5.83
N GLY D 26 -7.82 -30.17 -6.56
CA GLY D 26 -6.90 -29.30 -7.26
C GLY D 26 -5.56 -30.00 -7.42
N SER D 27 -4.77 -29.63 -8.43
CA SER D 27 -3.55 -30.33 -8.80
C SER D 27 -2.32 -29.51 -8.48
N ILE D 28 -1.31 -30.17 -7.86
CA ILE D 28 -0.03 -29.57 -7.52
C ILE D 28 0.76 -29.16 -8.77
N SER D 29 0.40 -29.69 -9.95
CA SER D 29 1.12 -29.40 -11.18
C SER D 29 0.74 -28.02 -11.72
N SER D 30 -0.28 -27.38 -11.15
CA SER D 30 -0.69 -26.10 -11.67
C SER D 30 0.45 -25.11 -11.51
N PRO D 31 0.61 -24.11 -12.41
CA PRO D 31 1.56 -23.04 -12.17
C PRO D 31 1.25 -22.31 -10.86
N GLY D 32 2.31 -21.83 -10.20
CA GLY D 32 2.22 -20.94 -9.06
C GLY D 32 2.02 -21.67 -7.74
N TYR D 33 1.90 -23.02 -7.78
CA TYR D 33 1.47 -23.83 -6.64
C TYR D 33 2.64 -24.14 -5.70
N TYR D 34 2.47 -23.84 -4.40
CA TYR D 34 3.47 -24.11 -3.38
C TYR D 34 2.93 -25.11 -2.35
N GLY D 35 3.84 -25.94 -1.83
CA GLY D 35 3.59 -26.69 -0.59
C GLY D 35 4.22 -25.97 0.59
N GLY D 36 3.67 -26.19 1.79
CA GLY D 36 4.20 -25.61 3.01
C GLY D 36 3.95 -26.48 4.24
N TRP D 37 4.84 -26.35 5.23
CA TRP D 37 4.70 -26.99 6.53
C TRP D 37 4.83 -25.93 7.62
N ILE D 38 3.93 -26.01 8.61
CA ILE D 38 3.88 -25.10 9.74
C ILE D 38 3.61 -25.97 10.97
N ARG D 39 4.07 -25.60 12.16
CA ARG D 39 3.80 -26.45 13.31
C ARG D 39 3.50 -25.60 14.55
N GLN D 40 3.00 -26.27 15.59
CA GLN D 40 2.48 -25.57 16.75
C GLN D 40 2.60 -26.51 17.95
N PRO D 41 3.60 -26.31 18.82
CA PRO D 41 3.60 -27.02 20.09
C PRO D 41 2.27 -26.75 20.81
N PRO D 42 1.78 -27.67 21.67
CA PRO D 42 0.57 -27.40 22.46
C PRO D 42 0.68 -26.17 23.35
N GLY D 43 -0.32 -25.28 23.22
CA GLY D 43 -0.40 -24.08 24.05
C GLY D 43 0.53 -22.96 23.55
N LYS D 44 1.08 -23.11 22.35
CA LYS D 44 2.18 -22.27 21.90
C LYS D 44 1.85 -21.71 20.51
N GLY D 45 2.77 -20.88 20.02
CA GLY D 45 2.56 -20.15 18.78
C GLY D 45 2.92 -21.00 17.57
N LEU D 46 2.86 -20.38 16.38
CA LEU D 46 3.08 -21.06 15.12
C LEU D 46 4.50 -20.85 14.63
N GLU D 47 5.09 -21.89 14.02
CA GLU D 47 6.42 -21.82 13.46
C GLU D 47 6.42 -22.44 12.07
N TRP D 48 6.69 -21.57 11.08
CA TRP D 48 6.99 -22.02 9.74
C TRP D 48 8.20 -22.96 9.77
N ILE D 49 8.04 -24.10 9.08
CA ILE D 49 9.09 -25.09 8.94
C ILE D 49 9.74 -24.90 7.57
N GLY D 50 8.94 -24.92 6.51
CA GLY D 50 9.54 -24.76 5.19
C GLY D 50 8.49 -24.76 4.08
N SER D 51 8.92 -24.36 2.89
CA SER D 51 8.04 -24.29 1.73
C SER D 51 8.72 -24.91 0.52
N ILE D 52 7.89 -25.45 -0.39
CA ILE D 52 8.37 -26.04 -1.64
C ILE D 52 7.47 -25.57 -2.79
N TYR D 53 8.10 -25.11 -3.87
CA TYR D 53 7.39 -24.92 -5.11
C TYR D 53 7.22 -26.28 -5.78
N LYS D 54 6.29 -26.37 -6.74
CA LYS D 54 5.95 -27.64 -7.40
C LYS D 54 7.19 -28.22 -8.09
N SER D 55 8.03 -27.35 -8.67
CA SER D 55 9.20 -27.76 -9.43
C SER D 55 10.14 -28.61 -8.57
N GLY D 56 10.32 -28.20 -7.32
CA GLY D 56 11.10 -28.95 -6.35
C GLY D 56 11.97 -28.05 -5.48
N SER D 57 12.06 -26.77 -5.83
CA SER D 57 12.85 -25.78 -5.10
C SER D 57 12.23 -25.54 -3.74
N THR D 58 13.05 -25.28 -2.72
CA THR D 58 12.56 -25.10 -1.37
C THR D 58 13.27 -23.97 -0.64
N TYR D 59 12.63 -23.57 0.47
CA TYR D 59 13.20 -22.70 1.49
C TYR D 59 12.82 -23.30 2.85
N HIS D 60 13.75 -23.26 3.80
CA HIS D 60 13.56 -23.86 5.11
C HIS D 60 13.64 -22.73 6.13
N ASN D 61 13.08 -22.98 7.33
CA ASN D 61 13.36 -22.15 8.47
C ASN D 61 14.84 -22.29 8.81
N PRO D 62 15.66 -21.22 8.71
CA PRO D 62 17.08 -21.30 9.03
C PRO D 62 17.42 -21.99 10.36
N SER D 63 16.44 -22.09 11.25
CA SER D 63 16.63 -22.66 12.57
C SER D 63 16.50 -24.19 12.53
N LEU D 64 16.17 -24.75 11.38
CA LEU D 64 15.89 -26.17 11.27
C LEU D 64 16.61 -26.79 10.08
N LYS D 65 17.32 -25.98 9.29
CA LYS D 65 17.76 -26.35 7.94
C LYS D 65 18.43 -27.73 7.89
N SER D 66 19.30 -28.04 8.87
CA SER D 66 20.12 -29.24 8.78
C SER D 66 19.31 -30.53 9.05
N ARG D 67 18.07 -30.38 9.59
CA ARG D 67 17.26 -31.50 10.04
C ARG D 67 16.05 -31.69 9.12
N VAL D 68 15.87 -30.82 8.13
CA VAL D 68 14.63 -30.68 7.42
C VAL D 68 14.83 -31.09 5.97
N THR D 69 13.96 -31.98 5.49
CA THR D 69 13.89 -32.36 4.09
C THR D 69 12.42 -32.27 3.70
N ILE D 70 12.13 -31.47 2.67
CA ILE D 70 10.80 -31.28 2.15
C ILE D 70 10.85 -31.70 0.70
N SER D 71 9.86 -32.47 0.24
CA SER D 71 9.90 -33.00 -1.10
C SER D 71 8.49 -33.07 -1.68
N VAL D 72 8.40 -33.14 -3.03
CA VAL D 72 7.12 -33.08 -3.73
C VAL D 72 7.04 -34.22 -4.73
N ASP D 73 5.83 -34.76 -4.88
CA ASP D 73 5.59 -35.88 -5.78
C ASP D 73 4.33 -35.54 -6.57
N THR D 74 4.53 -34.73 -7.61
CA THR D 74 3.48 -34.34 -8.54
C THR D 74 2.56 -35.51 -8.88
N SER D 75 3.13 -36.73 -9.02
CA SER D 75 2.42 -37.83 -9.63
C SER D 75 1.34 -38.39 -8.70
N LYS D 76 1.45 -38.13 -7.39
CA LYS D 76 0.48 -38.61 -6.41
C LYS D 76 -0.26 -37.43 -5.77
N ASN D 77 0.00 -36.21 -6.27
CA ASN D 77 -0.53 -35.00 -5.69
C ASN D 77 -0.19 -34.98 -4.20
N GLN D 78 1.07 -35.33 -3.90
CA GLN D 78 1.57 -35.36 -2.54
C GLN D 78 2.84 -34.51 -2.43
N PHE D 79 3.10 -34.04 -1.19
CA PHE D 79 4.39 -33.52 -0.78
C PHE D 79 4.62 -33.89 0.69
N SER D 80 5.88 -33.81 1.13
CA SER D 80 6.30 -34.55 2.31
C SER D 80 7.32 -33.74 3.10
N LEU D 81 7.58 -34.22 4.33
CA LEU D 81 8.50 -33.58 5.25
C LEU D 81 9.19 -34.65 6.08
N LYS D 82 10.53 -34.65 6.09
CA LYS D 82 11.26 -35.37 7.12
C LYS D 82 11.97 -34.35 8.03
N LEU D 83 11.97 -34.67 9.33
CA LEU D 83 12.66 -33.91 10.35
C LEU D 83 13.40 -34.91 11.25
N SER D 84 14.73 -34.93 11.10
CA SER D 84 15.62 -35.95 11.63
C SER D 84 15.95 -35.72 13.11
N SER D 85 16.41 -36.76 13.79
CA SER D 85 17.00 -36.60 15.11
C SER D 85 16.01 -35.85 16.02
N VAL D 86 14.75 -36.31 16.07
CA VAL D 86 13.75 -35.49 16.75
C VAL D 86 13.98 -35.65 18.25
N THR D 87 13.37 -34.70 18.95
CA THR D 87 13.55 -34.45 20.37
C THR D 87 12.18 -33.97 20.89
N ALA D 88 12.02 -33.81 22.21
CA ALA D 88 10.72 -33.50 22.81
C ALA D 88 10.25 -32.10 22.41
N ALA D 89 11.19 -31.25 21.98
CA ALA D 89 10.89 -29.92 21.47
C ALA D 89 10.10 -29.99 20.16
N ASP D 90 10.17 -31.13 19.47
CA ASP D 90 9.50 -31.27 18.20
C ASP D 90 8.05 -31.70 18.38
N THR D 91 7.66 -32.03 19.63
CA THR D 91 6.31 -32.47 19.91
C THR D 91 5.40 -31.30 19.60
N ALA D 92 4.58 -31.45 18.55
CA ALA D 92 3.70 -30.40 18.13
C ALA D 92 2.60 -30.97 17.24
N VAL D 93 1.61 -30.12 16.93
CA VAL D 93 0.72 -30.33 15.80
C VAL D 93 1.40 -29.76 14.56
N TYR D 94 1.50 -30.60 13.52
CA TYR D 94 2.11 -30.27 12.23
C TYR D 94 1.00 -30.11 11.20
N TYR D 95 0.87 -28.90 10.63
CA TYR D 95 -0.05 -28.61 9.55
C TYR D 95 0.71 -28.59 8.23
N CYS D 96 0.06 -29.04 7.16
CA CYS D 96 0.48 -28.69 5.81
C CYS D 96 -0.37 -27.52 5.33
N THR D 97 0.06 -26.80 4.29
CA THR D 97 -0.66 -25.61 3.84
C THR D 97 -0.25 -25.24 2.42
N ARG D 98 -0.86 -24.15 1.94
CA ARG D 98 -0.60 -23.61 0.61
C ARG D 98 -0.13 -22.17 0.73
N PRO D 99 1.18 -21.91 0.59
CA PRO D 99 1.69 -20.56 0.40
C PRO D 99 1.15 -20.11 -0.95
N VAL D 100 0.57 -18.89 -0.98
CA VAL D 100 -0.26 -18.46 -2.10
C VAL D 100 0.59 -17.69 -3.11
N VAL D 101 1.21 -16.59 -2.70
CA VAL D 101 1.85 -15.69 -3.65
C VAL D 101 3.35 -15.92 -3.72
N ARG D 102 3.94 -16.53 -2.68
CA ARG D 102 5.36 -16.83 -2.63
C ARG D 102 5.69 -17.88 -1.55
N TYR D 103 6.95 -18.35 -1.52
CA TYR D 103 7.44 -19.32 -0.54
C TYR D 103 6.97 -18.93 0.86
N PHE D 104 7.10 -17.64 1.20
CA PHE D 104 6.78 -17.18 2.54
C PHE D 104 5.31 -16.76 2.70
N GLY D 105 4.48 -16.95 1.65
CA GLY D 105 3.47 -15.97 1.25
C GLY D 105 2.04 -16.41 1.47
N TRP D 106 1.36 -15.74 2.41
CA TRP D 106 0.35 -16.26 3.35
C TRP D 106 -0.11 -17.71 3.10
N PHE D 107 -0.64 -18.31 4.16
CA PHE D 107 -0.98 -19.72 4.14
C PHE D 107 -2.49 -19.90 4.02
N ASP D 108 -2.92 -20.49 2.90
CA ASP D 108 -4.32 -20.77 2.68
C ASP D 108 -4.48 -21.70 1.48
N PRO D 109 -5.10 -22.89 1.62
CA PRO D 109 -5.68 -23.35 2.90
C PRO D 109 -4.73 -24.17 3.77
N TRP D 110 -5.27 -24.69 4.89
CA TRP D 110 -4.53 -25.50 5.84
C TRP D 110 -5.21 -26.86 6.01
N GLY D 111 -4.42 -27.91 6.28
CA GLY D 111 -4.97 -29.18 6.74
C GLY D 111 -5.36 -29.05 8.19
N GLN D 112 -5.85 -30.13 8.79
CA GLN D 112 -6.37 -30.09 10.16
C GLN D 112 -5.24 -30.21 11.20
N GLY D 113 -4.03 -30.57 10.74
CA GLY D 113 -2.92 -30.88 11.62
C GLY D 113 -2.90 -32.35 12.05
N THR D 114 -1.70 -32.94 12.15
CA THR D 114 -1.51 -34.13 12.95
C THR D 114 -0.68 -33.78 14.17
N LEU D 115 -1.18 -34.16 15.35
CA LEU D 115 -0.40 -34.17 16.59
C LEU D 115 0.66 -35.26 16.50
N VAL D 116 1.92 -34.87 16.72
CA VAL D 116 3.07 -35.78 16.76
C VAL D 116 3.65 -35.72 18.17
N THR D 117 3.73 -36.86 18.83
CA THR D 117 4.26 -36.88 20.18
C THR D 117 5.64 -37.52 20.12
N VAL D 118 6.63 -36.89 20.77
CA VAL D 118 7.95 -37.49 20.83
C VAL D 118 8.15 -38.07 22.22
N SER D 119 8.16 -39.41 22.34
CA SER D 119 8.24 -40.05 23.65
C SER D 119 8.72 -41.50 23.55
N SER D 120 9.32 -41.97 24.65
CA SER D 120 9.79 -43.34 24.78
C SER D 120 8.66 -44.30 25.14
N ALA D 121 7.51 -43.78 25.58
CA ALA D 121 6.42 -44.60 26.09
C ALA D 121 5.69 -45.28 24.95
N SER D 122 5.21 -46.50 25.24
CA SER D 122 4.42 -47.28 24.30
C SER D 122 3.03 -46.67 24.08
N THR D 123 2.48 -46.94 22.89
CA THR D 123 1.08 -46.68 22.55
C THR D 123 0.19 -47.59 23.41
N LYS D 124 -0.82 -47.00 24.05
CA LYS D 124 -1.81 -47.76 24.82
C LYS D 124 -3.25 -47.30 24.52
N GLY D 125 -4.13 -48.26 24.23
CA GLY D 125 -5.54 -48.03 23.96
C GLY D 125 -6.37 -47.77 25.23
N PRO D 126 -7.45 -46.96 25.15
CA PRO D 126 -8.24 -46.61 26.33
C PRO D 126 -9.28 -47.67 26.62
N SER D 127 -9.64 -47.78 27.90
CA SER D 127 -10.89 -48.43 28.26
C SER D 127 -11.97 -47.34 28.39
N VAL D 128 -13.22 -47.68 28.04
CA VAL D 128 -14.29 -46.68 28.02
C VAL D 128 -15.38 -47.07 29.00
N PHE D 129 -15.50 -46.30 30.10
CA PHE D 129 -16.47 -46.56 31.16
C PHE D 129 -17.64 -45.57 31.08
N PRO D 130 -18.90 -46.03 31.26
CA PRO D 130 -20.06 -45.17 31.09
C PRO D 130 -20.36 -44.32 32.31
N LEU D 131 -20.63 -43.03 32.06
CA LEU D 131 -21.09 -42.09 33.07
C LEU D 131 -22.61 -42.10 33.06
N ALA D 132 -23.20 -42.83 34.02
CA ALA D 132 -24.62 -43.13 33.95
C ALA D 132 -25.44 -41.97 34.53
N PRO D 133 -26.62 -41.65 33.94
CA PRO D 133 -27.48 -40.59 34.45
C PRO D 133 -28.27 -40.95 35.72
N SER D 134 -28.37 -40.01 36.67
CA SER D 134 -29.34 -40.13 37.78
C SER D 134 -29.77 -38.75 38.27
N SER D 135 -31.08 -38.46 38.18
CA SER D 135 -31.72 -37.26 38.70
C SER D 135 -33.24 -37.35 38.46
N GLY D 141 -35.87 -31.74 35.15
CA GLY D 141 -36.09 -31.54 33.71
C GLY D 141 -35.01 -32.23 32.87
N THR D 142 -33.78 -31.72 32.93
CA THR D 142 -32.68 -32.18 32.09
C THR D 142 -31.69 -33.02 32.92
N ALA D 143 -31.21 -34.12 32.33
CA ALA D 143 -30.23 -34.97 33.00
C ALA D 143 -28.94 -35.13 32.18
N ALA D 144 -27.87 -35.54 32.88
CA ALA D 144 -26.52 -35.58 32.32
C ALA D 144 -26.01 -37.02 32.27
N LEU D 145 -25.26 -37.31 31.21
CA LEU D 145 -24.62 -38.61 31.03
C LEU D 145 -23.37 -38.42 30.18
N GLY D 146 -22.48 -39.43 30.17
CA GLY D 146 -21.23 -39.29 29.44
C GLY D 146 -20.45 -40.60 29.30
N CYS D 147 -19.13 -40.45 29.09
CA CYS D 147 -18.18 -41.54 28.98
C CYS D 147 -16.82 -41.05 29.53
N LEU D 148 -16.13 -41.95 30.23
CA LEU D 148 -14.77 -41.69 30.69
C LEU D 148 -13.82 -42.48 29.80
N VAL D 149 -12.98 -41.77 29.04
CA VAL D 149 -11.98 -42.43 28.21
C VAL D 149 -10.70 -42.44 29.03
N LYS D 150 -10.34 -43.61 29.57
CA LYS D 150 -9.30 -43.65 30.58
C LYS D 150 -8.11 -44.47 30.09
N ASP D 151 -6.90 -43.99 30.49
CA ASP D 151 -5.66 -44.73 30.45
C ASP D 151 -5.23 -45.00 29.01
N TYR D 152 -5.09 -43.93 28.22
CA TYR D 152 -4.58 -44.03 26.86
C TYR D 152 -3.30 -43.22 26.71
N PHE D 153 -2.60 -43.46 25.59
CA PHE D 153 -1.35 -42.80 25.23
C PHE D 153 -0.99 -43.22 23.81
N PRO D 154 -0.60 -42.32 22.88
CA PRO D 154 -0.60 -40.86 23.09
C PRO D 154 -1.93 -40.22 22.68
N GLU D 155 -2.05 -38.89 22.86
CA GLU D 155 -3.22 -38.14 22.42
C GLU D 155 -3.25 -38.22 20.90
N PRO D 156 -4.37 -37.90 20.20
CA PRO D 156 -5.69 -37.64 20.82
C PRO D 156 -6.75 -38.73 20.69
N VAL D 157 -7.83 -38.59 21.46
CA VAL D 157 -9.04 -39.35 21.19
C VAL D 157 -10.13 -38.41 20.70
N THR D 158 -10.80 -38.86 19.65
CA THR D 158 -12.06 -38.33 19.18
C THR D 158 -13.15 -38.94 20.03
N VAL D 159 -14.19 -38.15 20.37
CA VAL D 159 -15.44 -38.69 20.89
C VAL D 159 -16.61 -37.99 20.21
N SER D 160 -17.40 -38.75 19.44
CA SER D 160 -18.67 -38.29 18.89
C SER D 160 -19.82 -38.92 19.68
N TRP D 161 -21.07 -38.57 19.35
CA TRP D 161 -22.23 -39.18 19.98
C TRP D 161 -23.31 -39.48 18.92
N ASN D 162 -23.90 -40.68 19.02
CA ASN D 162 -24.84 -41.23 18.05
C ASN D 162 -24.32 -41.04 16.61
N SER D 163 -23.02 -41.31 16.40
CA SER D 163 -22.38 -41.18 15.10
C SER D 163 -22.49 -39.75 14.56
N GLY D 164 -22.47 -38.75 15.45
CA GLY D 164 -22.44 -37.34 15.07
C GLY D 164 -23.83 -36.72 14.90
N ALA D 165 -24.90 -37.50 15.13
CA ALA D 165 -26.27 -37.02 15.08
C ALA D 165 -26.61 -36.14 16.29
N LEU D 166 -25.91 -36.38 17.40
CA LEU D 166 -26.08 -35.62 18.64
C LEU D 166 -24.83 -34.77 18.88
N THR D 167 -24.96 -33.46 18.66
CA THR D 167 -23.90 -32.49 18.89
C THR D 167 -24.29 -31.55 20.04
N SER D 168 -25.57 -31.19 20.13
CA SER D 168 -25.95 -30.14 21.07
C SER D 168 -25.97 -30.69 22.48
N GLY D 169 -25.37 -29.93 23.39
CA GLY D 169 -25.26 -30.28 24.80
C GLY D 169 -23.94 -31.00 25.12
N VAL D 170 -23.11 -31.24 24.10
CA VAL D 170 -21.94 -32.08 24.25
C VAL D 170 -20.78 -31.25 24.77
N HIS D 171 -20.16 -31.70 25.88
CA HIS D 171 -18.85 -31.19 26.28
C HIS D 171 -17.85 -32.34 26.33
N THR D 172 -16.98 -32.42 25.33
CA THR D 172 -15.82 -33.30 25.36
C THR D 172 -14.66 -32.53 25.98
N PHE D 173 -14.18 -32.92 27.17
CA PHE D 173 -13.14 -32.15 27.86
C PHE D 173 -11.75 -32.38 27.26
N PRO D 174 -10.78 -31.49 27.58
CA PRO D 174 -9.37 -31.77 27.34
C PRO D 174 -8.89 -32.91 28.23
N ALA D 175 -8.03 -33.77 27.66
CA ALA D 175 -7.38 -34.83 28.41
C ALA D 175 -6.55 -34.21 29.52
N VAL D 176 -6.51 -34.88 30.66
CA VAL D 176 -5.54 -34.59 31.70
C VAL D 176 -4.54 -35.72 31.64
N LEU D 177 -3.25 -35.41 31.91
CA LEU D 177 -2.22 -36.42 32.09
C LEU D 177 -2.19 -36.85 33.56
N GLN D 178 -2.12 -38.16 33.80
CA GLN D 178 -2.09 -38.67 35.15
C GLN D 178 -0.67 -39.03 35.57
N SER D 179 -0.48 -39.31 36.86
CA SER D 179 0.79 -39.84 37.34
C SER D 179 1.24 -41.08 36.54
N SER D 180 0.32 -41.96 36.15
CA SER D 180 0.68 -43.14 35.38
C SER D 180 1.44 -42.79 34.10
N GLY D 181 1.37 -41.52 33.67
CA GLY D 181 1.86 -41.12 32.37
C GLY D 181 0.84 -41.43 31.29
N LEU D 182 -0.40 -41.67 31.70
CA LEU D 182 -1.48 -42.03 30.81
C LEU D 182 -2.55 -40.95 30.85
N TYR D 183 -3.25 -40.77 29.73
CA TYR D 183 -4.22 -39.69 29.63
C TYR D 183 -5.59 -40.24 30.03
N SER D 184 -6.47 -39.30 30.40
CA SER D 184 -7.84 -39.53 30.83
C SER D 184 -8.71 -38.30 30.46
N LEU D 185 -9.75 -38.56 29.65
CA LEU D 185 -10.67 -37.56 29.14
C LEU D 185 -12.10 -37.95 29.50
N SER D 186 -13.00 -36.96 29.61
CA SER D 186 -14.42 -37.21 29.87
C SER D 186 -15.25 -36.51 28.80
N SER D 187 -16.28 -37.18 28.28
CA SER D 187 -17.21 -36.56 27.36
C SER D 187 -18.61 -36.69 27.93
N VAL D 188 -19.37 -35.60 27.87
CA VAL D 188 -20.68 -35.55 28.51
C VAL D 188 -21.64 -34.85 27.58
N VAL D 189 -22.92 -34.94 27.96
CA VAL D 189 -24.02 -34.31 27.27
C VAL D 189 -25.18 -34.11 28.26
N THR D 190 -25.88 -32.98 28.10
CA THR D 190 -27.11 -32.75 28.82
C THR D 190 -28.28 -33.08 27.90
N VAL D 191 -29.29 -33.77 28.46
CA VAL D 191 -30.42 -34.28 27.69
C VAL D 191 -31.71 -34.17 28.49
N PRO D 192 -32.90 -34.34 27.84
CA PRO D 192 -34.16 -34.37 28.56
C PRO D 192 -34.34 -35.72 29.24
N SER D 193 -34.54 -35.69 30.57
CA SER D 193 -34.89 -36.87 31.33
C SER D 193 -36.01 -37.60 30.60
N SER D 194 -36.91 -36.83 29.96
CA SER D 194 -38.14 -37.32 29.33
C SER D 194 -37.90 -38.41 28.29
N SER D 195 -36.64 -38.59 27.86
CA SER D 195 -36.30 -39.46 26.75
C SER D 195 -35.31 -40.56 27.15
N LEU D 196 -34.93 -40.60 28.44
CA LEU D 196 -33.92 -41.54 28.89
C LEU D 196 -34.25 -42.97 28.46
N GLY D 197 -35.51 -43.37 28.62
CA GLY D 197 -35.95 -44.74 28.36
C GLY D 197 -35.98 -45.06 26.87
N THR D 198 -36.20 -44.03 26.05
CA THR D 198 -36.53 -44.18 24.65
C THR D 198 -35.33 -43.85 23.73
N GLN D 199 -34.43 -42.94 24.17
CA GLN D 199 -33.33 -42.50 23.31
C GLN D 199 -32.02 -43.24 23.61
N THR D 200 -31.42 -43.75 22.53
CA THR D 200 -30.19 -44.52 22.62
C THR D 200 -28.98 -43.58 22.57
N TYR D 201 -28.28 -43.48 23.70
CA TYR D 201 -27.07 -42.71 23.82
C TYR D 201 -25.86 -43.64 23.66
N ILE D 202 -25.10 -43.42 22.59
CA ILE D 202 -23.86 -44.12 22.32
C ILE D 202 -22.73 -43.09 22.14
N CYS D 203 -21.60 -43.29 22.82
CA CYS D 203 -20.44 -42.44 22.64
C CYS D 203 -19.40 -43.16 21.79
N ASN D 204 -19.04 -42.56 20.65
CA ASN D 204 -18.12 -43.16 19.71
C ASN D 204 -16.70 -42.66 19.99
N VAL D 205 -15.88 -43.55 20.59
CA VAL D 205 -14.51 -43.24 20.93
C VAL D 205 -13.55 -43.74 19.86
N ASN D 206 -12.47 -42.99 19.65
CA ASN D 206 -11.50 -43.34 18.63
C ASN D 206 -10.11 -42.90 19.08
N HIS D 207 -9.24 -43.90 19.25
CA HIS D 207 -7.82 -43.70 19.50
C HIS D 207 -7.07 -44.28 18.30
N LYS D 208 -6.75 -43.42 17.32
CA LYS D 208 -6.17 -43.89 16.06
C LYS D 208 -4.78 -44.48 16.26
N PRO D 209 -3.86 -43.83 17.02
CA PRO D 209 -2.55 -44.41 17.27
C PRO D 209 -2.62 -45.88 17.70
N SER D 210 -3.45 -46.17 18.71
CA SER D 210 -3.60 -47.53 19.18
C SER D 210 -4.55 -48.30 18.27
N ASN D 211 -5.21 -47.58 17.35
CA ASN D 211 -6.02 -48.26 16.36
C ASN D 211 -7.25 -48.87 17.04
N THR D 212 -7.77 -48.23 18.12
CA THR D 212 -8.94 -48.70 18.84
C THR D 212 -10.14 -47.79 18.53
N LYS D 213 -11.33 -48.35 18.79
CA LYS D 213 -12.62 -47.69 18.57
C LYS D 213 -13.68 -48.48 19.33
N VAL D 214 -14.25 -47.91 20.38
CA VAL D 214 -15.37 -48.61 21.00
C VAL D 214 -16.60 -47.70 20.91
N ASP D 215 -17.77 -48.34 20.95
CA ASP D 215 -19.05 -47.64 20.88
C ASP D 215 -19.85 -48.00 22.12
N LYS D 216 -19.56 -47.34 23.24
CA LYS D 216 -20.17 -47.71 24.51
C LYS D 216 -21.56 -47.09 24.59
N LYS D 217 -22.58 -47.92 24.88
CA LYS D 217 -23.94 -47.44 25.11
C LYS D 217 -24.09 -47.12 26.60
N VAL D 218 -24.68 -45.95 26.91
CA VAL D 218 -24.71 -45.43 28.27
C VAL D 218 -26.10 -45.62 28.87
N GLU D 219 -26.20 -46.60 29.78
CA GLU D 219 -27.47 -47.00 30.40
C GLU D 219 -27.62 -46.28 31.75
N PRO D 220 -28.85 -46.04 32.25
CA PRO D 220 -29.04 -45.64 33.65
C PRO D 220 -28.72 -46.83 34.54
N LYS D 221 -28.26 -46.53 35.76
CA LYS D 221 -27.87 -47.56 36.71
C LYS D 221 -29.14 -48.18 37.31
N ALA E 1 15.77 -12.48 11.71
CA ALA E 1 14.35 -12.78 12.01
C ALA E 1 13.60 -11.48 12.26
N ILE E 2 12.38 -11.40 11.73
CA ILE E 2 11.49 -10.29 12.00
C ILE E 2 10.54 -10.69 13.13
N GLN E 3 10.62 -9.96 14.25
CA GLN E 3 9.75 -10.21 15.40
C GLN E 3 8.43 -9.44 15.22
N LEU E 4 7.33 -10.16 15.43
CA LEU E 4 6.02 -9.57 15.51
C LEU E 4 5.56 -9.59 16.96
N THR E 5 5.39 -8.40 17.51
CA THR E 5 4.78 -8.23 18.82
C THR E 5 3.33 -7.84 18.61
N GLN E 6 2.43 -8.57 19.27
CA GLN E 6 1.01 -8.28 19.19
C GLN E 6 0.60 -7.65 20.51
N SER E 7 -0.51 -6.93 20.47
CA SER E 7 -0.82 -6.04 21.56
C SER E 7 -2.34 -5.90 21.59
N PRO E 8 -3.04 -6.32 22.67
CA PRO E 8 -2.46 -7.13 23.74
C PRO E 8 -2.47 -8.65 23.50
N SER E 9 -1.94 -9.38 24.48
CA SER E 9 -1.90 -10.84 24.47
C SER E 9 -3.26 -11.45 24.78
N SER E 10 -4.03 -10.81 25.68
CA SER E 10 -5.36 -11.29 26.09
C SER E 10 -6.31 -10.11 26.31
N LEU E 11 -7.55 -10.25 25.81
CA LEU E 11 -8.62 -9.30 26.08
C LEU E 11 -9.95 -10.04 26.29
N SER E 12 -10.70 -9.59 27.32
CA SER E 12 -12.13 -9.80 27.51
C SER E 12 -12.87 -8.66 26.81
N ALA E 13 -13.96 -8.98 26.09
CA ALA E 13 -14.82 -7.98 25.48
C ALA E 13 -16.26 -8.49 25.47
N SER E 14 -17.21 -7.55 25.40
CA SER E 14 -18.63 -7.86 25.36
C SER E 14 -19.09 -8.03 23.92
N VAL E 15 -20.16 -8.79 23.72
CA VAL E 15 -20.78 -8.83 22.42
C VAL E 15 -21.14 -7.41 22.02
N GLY E 16 -20.70 -6.99 20.82
CA GLY E 16 -21.05 -5.67 20.28
C GLY E 16 -19.91 -4.66 20.38
N ASP E 17 -18.90 -4.93 21.22
CA ASP E 17 -17.75 -4.08 21.39
C ASP E 17 -16.90 -4.09 20.12
N ARG E 18 -16.29 -2.92 19.86
CA ARG E 18 -15.25 -2.80 18.84
C ARG E 18 -13.93 -3.21 19.49
N VAL E 19 -13.28 -4.22 18.90
CA VAL E 19 -12.01 -4.69 19.41
C VAL E 19 -10.97 -4.49 18.31
N THR E 20 -9.83 -3.87 18.66
CA THR E 20 -8.71 -3.69 17.75
C THR E 20 -7.43 -4.28 18.36
N ILE E 21 -6.84 -5.26 17.66
CA ILE E 21 -5.56 -5.86 18.01
C ILE E 21 -4.47 -5.21 17.15
N THR E 22 -3.30 -4.91 17.72
CA THR E 22 -2.23 -4.33 16.93
C THR E 22 -1.07 -5.32 16.80
N CYS E 23 -0.43 -5.25 15.62
CA CYS E 23 0.74 -6.06 15.31
C CYS E 23 1.85 -5.10 14.91
N ARG E 24 2.88 -5.00 15.75
CA ARG E 24 4.08 -4.21 15.47
C ARG E 24 5.17 -5.13 14.94
N ALA E 25 5.80 -4.73 13.84
CA ALA E 25 6.93 -5.46 13.27
C ALA E 25 8.23 -4.79 13.68
N SER E 26 9.30 -5.59 13.84
CA SER E 26 10.62 -5.11 14.23
C SER E 26 11.35 -4.44 13.07
N GLN E 27 10.88 -4.68 11.84
CA GLN E 27 11.40 -4.06 10.64
C GLN E 27 10.25 -3.76 9.71
N GLY E 28 10.54 -3.07 8.59
CA GLY E 28 9.54 -2.73 7.62
C GLY E 28 9.20 -3.92 6.73
N ILE E 29 8.03 -4.53 6.95
CA ILE E 29 7.51 -5.63 6.15
C ILE E 29 6.55 -5.09 5.09
N SER E 30 6.62 -3.79 4.81
CA SER E 30 5.85 -3.22 3.71
C SER E 30 4.36 -3.46 3.98
N SER E 31 3.63 -4.09 3.05
CA SER E 31 2.25 -4.44 3.30
C SER E 31 2.08 -5.96 3.43
N ALA E 32 3.19 -6.71 3.44
CA ALA E 32 3.14 -8.17 3.49
C ALA E 32 2.76 -8.69 4.88
N LEU E 33 1.49 -8.51 5.27
CA LEU E 33 0.97 -8.99 6.53
C LEU E 33 -0.35 -9.74 6.32
N ALA E 34 -0.52 -10.82 7.07
CA ALA E 34 -1.73 -11.61 7.04
C ALA E 34 -2.23 -11.87 8.46
N TRP E 35 -3.54 -12.03 8.61
CA TRP E 35 -4.14 -12.32 9.91
C TRP E 35 -4.96 -13.59 9.88
N TYR E 36 -4.81 -14.42 10.92
CA TYR E 36 -5.46 -15.71 11.01
C TYR E 36 -6.18 -15.77 12.35
N GLN E 37 -7.35 -16.44 12.33
CA GLN E 37 -8.13 -16.77 13.49
C GLN E 37 -8.06 -18.27 13.68
N GLN E 38 -7.72 -18.72 14.90
CA GLN E 38 -7.61 -20.13 15.22
C GLN E 38 -8.54 -20.44 16.39
N LYS E 39 -9.63 -21.15 16.08
CA LYS E 39 -10.51 -21.68 17.11
C LYS E 39 -9.75 -22.80 17.82
N PRO E 40 -10.19 -23.27 19.01
CA PRO E 40 -9.47 -24.35 19.69
C PRO E 40 -9.48 -25.69 18.95
N GLY E 41 -8.27 -26.19 18.63
CA GLY E 41 -8.11 -27.50 18.00
C GLY E 41 -8.47 -27.50 16.52
N LYS E 42 -8.20 -26.39 15.85
CA LYS E 42 -8.40 -26.29 14.42
C LYS E 42 -7.21 -25.50 13.87
N ALA E 43 -6.99 -25.66 12.57
CA ALA E 43 -5.99 -24.87 11.87
C ALA E 43 -6.38 -23.41 11.96
N PRO E 44 -5.41 -22.47 11.94
CA PRO E 44 -5.73 -21.07 11.67
C PRO E 44 -6.48 -20.96 10.34
N LYS E 45 -7.42 -20.02 10.27
CA LYS E 45 -8.17 -19.72 9.07
C LYS E 45 -7.84 -18.28 8.69
N LEU E 46 -7.51 -18.06 7.41
CA LEU E 46 -7.12 -16.74 6.93
C LEU E 46 -8.29 -15.76 7.01
N LEU E 47 -7.99 -14.56 7.56
CA LEU E 47 -8.95 -13.46 7.66
C LEU E 47 -8.58 -12.34 6.70
N ILE E 48 -7.35 -11.88 6.78
CA ILE E 48 -6.88 -10.77 5.97
C ILE E 48 -5.53 -11.10 5.35
N TYR E 49 -5.38 -10.79 4.06
CA TYR E 49 -4.08 -10.79 3.42
C TYR E 49 -3.71 -9.37 3.00
N ASP E 50 -2.42 -9.19 2.70
CA ASP E 50 -1.86 -7.91 2.26
C ASP E 50 -2.29 -6.76 3.14
N ALA E 51 -2.38 -6.97 4.45
CA ALA E 51 -2.59 -5.89 5.41
C ALA E 51 -4.07 -5.53 5.57
N SER E 52 -4.78 -5.42 4.46
CA SER E 52 -6.12 -4.84 4.49
C SER E 52 -7.12 -5.55 3.57
N ASN E 53 -6.70 -6.42 2.65
CA ASN E 53 -7.70 -7.12 1.85
C ASN E 53 -8.37 -8.19 2.71
N LEU E 54 -9.70 -8.12 2.76
CA LEU E 54 -10.49 -9.09 3.50
C LEU E 54 -10.70 -10.34 2.66
N GLU E 55 -10.60 -11.51 3.30
CA GLU E 55 -10.74 -12.79 2.60
C GLU E 55 -12.21 -13.15 2.42
N SER E 56 -12.54 -13.75 1.26
CA SER E 56 -13.90 -14.16 0.97
C SER E 56 -14.44 -15.06 2.07
N GLY E 57 -15.74 -14.93 2.33
CA GLY E 57 -16.41 -15.73 3.34
C GLY E 57 -16.23 -15.15 4.73
N VAL E 58 -15.22 -14.30 4.91
CA VAL E 58 -15.04 -13.62 6.19
C VAL E 58 -16.07 -12.50 6.31
N PRO E 59 -16.80 -12.42 7.44
CA PRO E 59 -17.75 -11.34 7.65
C PRO E 59 -17.05 -10.00 7.62
N SER E 60 -17.83 -8.95 7.34
CA SER E 60 -17.27 -7.63 7.06
C SER E 60 -16.90 -6.88 8.33
N ARG E 61 -17.28 -7.41 9.50
CA ARG E 61 -16.88 -6.81 10.77
C ARG E 61 -15.35 -6.86 10.89
N PHE E 62 -14.74 -7.84 10.22
CA PHE E 62 -13.29 -7.98 10.18
C PHE E 62 -12.69 -7.00 9.18
N SER E 63 -11.65 -6.29 9.62
CA SER E 63 -10.86 -5.46 8.73
C SER E 63 -9.48 -5.25 9.33
N GLY E 64 -8.55 -4.92 8.46
CA GLY E 64 -7.17 -4.63 8.86
C GLY E 64 -6.62 -3.43 8.12
N SER E 65 -5.66 -2.75 8.74
CA SER E 65 -5.02 -1.61 8.12
C SER E 65 -3.56 -1.65 8.54
N GLY E 66 -2.69 -1.14 7.67
CA GLY E 66 -1.32 -0.89 8.09
C GLY E 66 -0.32 -1.06 6.96
N SER E 67 0.93 -0.77 7.32
CA SER E 67 2.03 -0.74 6.38
C SER E 67 3.30 -0.44 7.16
N GLY E 68 4.43 -0.89 6.63
CA GLY E 68 5.69 -0.70 7.28
C GLY E 68 5.76 -1.52 8.56
N THR E 69 5.44 -0.92 9.70
CA THR E 69 5.87 -1.53 10.94
C THR E 69 4.70 -1.72 11.91
N ASP E 70 3.51 -1.21 11.54
CA ASP E 70 2.40 -1.01 12.47
C ASP E 70 1.09 -1.38 11.82
N PHE E 71 0.40 -2.35 12.41
CA PHE E 71 -0.76 -2.95 11.80
C PHE E 71 -1.88 -3.05 12.83
N THR E 72 -3.04 -3.39 12.31
CA THR E 72 -4.27 -3.37 13.07
C THR E 72 -5.15 -4.44 12.46
N LEU E 73 -5.81 -5.20 13.35
CA LEU E 73 -6.98 -6.01 13.02
C LEU E 73 -8.11 -5.50 13.90
N THR E 74 -9.24 -5.19 13.27
CA THR E 74 -10.36 -4.64 14.01
C THR E 74 -11.59 -5.53 13.80
N ILE E 75 -12.27 -5.87 14.90
CA ILE E 75 -13.61 -6.45 14.85
C ILE E 75 -14.62 -5.41 15.29
N SER E 76 -15.44 -4.95 14.34
CA SER E 76 -16.30 -3.78 14.53
C SER E 76 -17.43 -4.08 15.50
N SER E 77 -18.02 -5.28 15.44
CA SER E 77 -19.00 -5.68 16.45
C SER E 77 -18.80 -7.15 16.82
N LEU E 78 -18.11 -7.37 17.94
CA LEU E 78 -17.71 -8.71 18.38
C LEU E 78 -18.92 -9.60 18.59
N GLN E 79 -18.84 -10.84 18.10
CA GLN E 79 -19.88 -11.84 18.29
C GLN E 79 -19.31 -13.02 19.08
N PRO E 80 -20.17 -13.93 19.58
CA PRO E 80 -19.68 -15.02 20.42
C PRO E 80 -18.75 -15.97 19.67
N GLU E 81 -18.99 -16.14 18.35
CA GLU E 81 -18.22 -17.00 17.49
C GLU E 81 -16.87 -16.37 17.13
N ASP E 82 -16.52 -15.28 17.81
CA ASP E 82 -15.28 -14.57 17.51
C ASP E 82 -14.25 -14.92 18.58
N PHE E 83 -14.67 -15.73 19.55
CA PHE E 83 -13.75 -16.30 20.52
C PHE E 83 -12.73 -17.11 19.75
N ALA E 84 -11.46 -16.74 19.91
CA ALA E 84 -10.38 -17.33 19.14
C ALA E 84 -9.06 -16.70 19.57
N THR E 85 -7.98 -17.23 18.98
CA THR E 85 -6.68 -16.62 19.11
C THR E 85 -6.37 -16.00 17.75
N TYR E 86 -5.95 -14.71 17.75
CA TYR E 86 -5.68 -14.04 16.50
C TYR E 86 -4.19 -13.91 16.31
N TYR E 87 -3.73 -14.27 15.12
CA TYR E 87 -2.32 -14.26 14.76
C TYR E 87 -2.08 -13.33 13.58
N CYS E 88 -1.10 -12.42 13.69
CA CYS E 88 -0.51 -11.81 12.51
C CYS E 88 0.73 -12.59 12.10
N GLN E 89 0.97 -12.70 10.78
CA GLN E 89 2.21 -13.26 10.26
C GLN E 89 2.64 -12.43 9.05
N GLN E 90 3.96 -12.25 8.90
CA GLN E 90 4.52 -11.48 7.81
C GLN E 90 5.17 -12.44 6.82
N PHE E 91 5.20 -12.01 5.54
CA PHE E 91 5.73 -12.84 4.48
C PHE E 91 6.56 -11.96 3.55
N ASN E 92 7.36 -11.09 4.16
CA ASN E 92 8.24 -10.22 3.41
C ASN E 92 9.63 -10.84 3.34
N SER E 93 10.03 -11.52 4.43
CA SER E 93 11.13 -12.49 4.41
C SER E 93 10.72 -13.74 5.18
N TYR E 94 11.72 -14.47 5.73
CA TYR E 94 11.47 -15.74 6.37
C TYR E 94 10.28 -15.55 7.29
N PRO E 95 9.21 -16.36 7.13
CA PRO E 95 7.91 -16.13 7.75
C PRO E 95 7.90 -16.26 9.26
N THR E 96 7.24 -15.30 9.93
CA THR E 96 7.12 -15.29 11.38
C THR E 96 5.70 -14.86 11.75
N PHE E 97 5.29 -15.28 12.95
CA PHE E 97 3.98 -14.97 13.51
C PHE E 97 4.16 -14.20 14.81
N GLY E 98 3.22 -13.30 15.11
CA GLY E 98 3.08 -12.79 16.46
C GLY E 98 2.72 -13.91 17.43
N GLN E 99 2.83 -13.63 18.72
CA GLN E 99 2.61 -14.61 19.77
C GLN E 99 1.14 -15.01 19.84
N GLY E 100 0.23 -14.09 19.54
CA GLY E 100 -1.19 -14.36 19.56
C GLY E 100 -1.91 -13.38 20.48
N THR E 101 -3.20 -13.19 20.20
CA THR E 101 -4.06 -12.43 21.08
C THR E 101 -5.27 -13.30 21.33
N LYS E 102 -5.41 -13.77 22.56
CA LYS E 102 -6.55 -14.58 22.97
C LYS E 102 -7.72 -13.63 23.18
N VAL E 103 -8.83 -13.85 22.45
CA VAL E 103 -9.99 -12.97 22.61
C VAL E 103 -11.11 -13.74 23.29
N GLU E 104 -11.41 -13.39 24.53
CA GLU E 104 -12.47 -14.01 25.33
C GLU E 104 -13.72 -13.14 25.34
N ILE E 105 -14.89 -13.77 25.37
CA ILE E 105 -16.14 -13.05 25.52
C ILE E 105 -16.49 -12.86 27.00
N LYS E 106 -16.56 -11.58 27.39
CA LYS E 106 -17.22 -11.14 28.60
C LYS E 106 -18.72 -11.19 28.41
N ARG E 107 -19.44 -11.51 29.49
CA ARG E 107 -20.78 -12.05 29.46
C ARG E 107 -21.37 -11.94 30.86
N THR E 108 -22.68 -12.05 31.03
CA THR E 108 -23.25 -12.01 32.37
C THR E 108 -22.88 -13.31 33.09
N VAL E 109 -23.01 -13.26 34.41
CA VAL E 109 -22.69 -14.40 35.26
C VAL E 109 -23.77 -15.45 35.05
N ALA E 110 -23.35 -16.68 34.74
CA ALA E 110 -24.19 -17.86 34.89
C ALA E 110 -23.60 -18.80 35.95
N ALA E 111 -24.46 -19.28 36.85
CA ALA E 111 -24.09 -20.36 37.77
C ALA E 111 -23.92 -21.66 37.01
N PRO E 112 -23.08 -22.60 37.50
CA PRO E 112 -22.99 -23.91 36.89
C PRO E 112 -24.13 -24.80 37.38
N SER E 113 -24.69 -25.61 36.47
CA SER E 113 -25.47 -26.76 36.89
C SER E 113 -24.50 -27.90 37.23
N VAL E 114 -24.69 -28.50 38.42
CA VAL E 114 -23.74 -29.48 38.96
C VAL E 114 -24.33 -30.88 38.89
N PHE E 115 -23.52 -31.83 38.42
CA PHE E 115 -23.82 -33.24 38.44
C PHE E 115 -22.65 -34.00 39.06
N ILE E 116 -22.93 -35.19 39.63
CA ILE E 116 -21.90 -36.12 40.13
C ILE E 116 -22.18 -37.53 39.59
N PHE E 117 -21.09 -38.20 39.13
CA PHE E 117 -21.17 -39.59 38.71
C PHE E 117 -20.31 -40.45 39.62
N PRO E 118 -20.82 -41.59 40.11
CA PRO E 118 -20.00 -42.54 40.87
C PRO E 118 -19.23 -43.41 39.89
N PRO E 119 -18.20 -44.17 40.32
CA PRO E 119 -17.56 -45.14 39.44
C PRO E 119 -18.63 -46.04 38.83
N SER E 120 -18.45 -46.38 37.55
CA SER E 120 -19.26 -47.44 36.94
C SER E 120 -18.87 -48.78 37.58
N ASP E 121 -19.85 -49.68 37.66
CA ASP E 121 -19.64 -51.01 38.19
C ASP E 121 -18.61 -51.76 37.34
N GLU E 122 -18.58 -51.43 36.05
CA GLU E 122 -17.65 -52.07 35.13
C GLU E 122 -16.22 -51.65 35.47
N GLN E 123 -16.01 -50.35 35.73
CA GLN E 123 -14.67 -49.88 36.06
C GLN E 123 -14.20 -50.55 37.34
N LEU E 124 -15.13 -50.80 38.27
CA LEU E 124 -14.86 -51.34 39.59
C LEU E 124 -14.47 -52.82 39.52
N LYS E 125 -14.84 -53.51 38.44
CA LYS E 125 -14.25 -54.81 38.13
C LYS E 125 -12.74 -54.64 37.96
N SER E 126 -12.37 -53.62 37.16
CA SER E 126 -10.98 -53.33 36.82
C SER E 126 -10.14 -53.00 38.06
N GLY E 127 -10.79 -52.51 39.13
CA GLY E 127 -10.15 -52.33 40.42
C GLY E 127 -9.62 -50.91 40.67
N THR E 128 -9.85 -49.99 39.71
CA THR E 128 -9.72 -48.58 40.00
C THR E 128 -11.12 -47.95 40.02
N ALA E 129 -11.20 -46.76 40.66
CA ALA E 129 -12.47 -46.09 40.90
C ALA E 129 -12.33 -44.58 40.65
N SER E 130 -13.11 -44.08 39.69
CA SER E 130 -13.10 -42.68 39.32
C SER E 130 -14.46 -42.06 39.58
N VAL E 131 -14.47 -41.00 40.39
CA VAL E 131 -15.66 -40.23 40.69
C VAL E 131 -15.60 -38.92 39.91
N VAL E 132 -16.61 -38.67 39.08
CA VAL E 132 -16.58 -37.52 38.21
C VAL E 132 -17.62 -36.52 38.71
N CYS E 133 -17.23 -35.24 38.66
CA CYS E 133 -18.13 -34.16 39.02
C CYS E 133 -18.19 -33.08 37.95
N LEU E 134 -19.34 -32.93 37.29
CA LEU E 134 -19.50 -32.01 36.17
C LEU E 134 -20.05 -30.68 36.64
N LEU E 135 -19.35 -29.59 36.29
CA LEU E 135 -19.87 -28.22 36.36
C LEU E 135 -20.21 -27.76 34.94
N ASN E 136 -21.50 -27.49 34.67
CA ASN E 136 -21.98 -27.28 33.31
C ASN E 136 -22.40 -25.83 33.06
N ASN E 137 -21.84 -25.28 31.98
CA ASN E 137 -22.26 -24.07 31.27
C ASN E 137 -22.32 -22.88 32.20
N PHE E 138 -21.16 -22.49 32.73
CA PHE E 138 -21.07 -21.41 33.70
C PHE E 138 -20.16 -20.33 33.13
N TYR E 139 -20.19 -19.17 33.80
CA TYR E 139 -19.32 -18.05 33.49
C TYR E 139 -19.24 -17.18 34.75
N PRO E 140 -18.07 -16.59 35.10
CA PRO E 140 -16.81 -16.77 34.38
C PRO E 140 -16.10 -18.09 34.67
N ARG E 141 -14.83 -18.18 34.24
CA ARG E 141 -14.08 -19.41 34.19
C ARG E 141 -13.70 -19.90 35.59
N GLU E 142 -13.59 -18.97 36.53
CA GLU E 142 -13.09 -19.26 37.87
C GLU E 142 -14.12 -20.04 38.69
N ALA E 143 -13.73 -21.23 39.15
CA ALA E 143 -14.56 -22.07 40.01
C ALA E 143 -13.67 -22.72 41.08
N LYS E 144 -14.31 -23.35 42.07
CA LYS E 144 -13.58 -24.13 43.06
C LYS E 144 -14.34 -25.42 43.33
N VAL E 145 -13.81 -26.54 42.83
CA VAL E 145 -14.34 -27.86 43.19
C VAL E 145 -13.59 -28.34 44.42
N GLN E 146 -14.33 -28.67 45.48
CA GLN E 146 -13.74 -29.31 46.63
C GLN E 146 -14.41 -30.67 46.82
N TRP E 147 -13.58 -31.69 47.10
CA TRP E 147 -14.04 -33.07 47.24
C TRP E 147 -14.15 -33.43 48.72
N LYS E 148 -15.01 -34.41 49.04
CA LYS E 148 -15.29 -34.82 50.42
C LYS E 148 -15.74 -36.28 50.46
N VAL E 149 -15.06 -37.10 51.27
CA VAL E 149 -15.36 -38.53 51.37
C VAL E 149 -15.71 -38.87 52.81
N ASP E 150 -16.98 -39.23 53.05
CA ASP E 150 -17.52 -39.36 54.41
C ASP E 150 -17.20 -38.09 55.19
N ASN E 151 -17.52 -36.93 54.58
CA ASN E 151 -17.35 -35.60 55.17
C ASN E 151 -15.89 -35.24 55.35
N ALA E 152 -14.99 -35.97 54.70
CA ALA E 152 -13.57 -35.76 54.86
C ALA E 152 -13.02 -35.19 53.56
N LEU E 153 -12.43 -33.99 53.63
CA LEU E 153 -12.03 -33.27 52.42
C LEU E 153 -10.70 -33.81 51.90
N GLN E 154 -10.54 -33.76 50.58
CA GLN E 154 -9.49 -34.49 49.87
C GLN E 154 -8.43 -33.51 49.38
N SER E 155 -7.39 -34.04 48.72
CA SER E 155 -6.25 -33.25 48.28
C SER E 155 -5.35 -34.08 47.36
N GLY E 156 -4.73 -33.41 46.37
CA GLY E 156 -3.73 -34.02 45.50
C GLY E 156 -4.09 -35.41 44.97
N ASN E 157 -5.39 -35.72 44.85
CA ASN E 157 -5.84 -36.99 44.29
C ASN E 157 -6.97 -36.79 43.28
N SER E 158 -7.20 -35.52 42.87
CA SER E 158 -8.18 -35.21 41.84
C SER E 158 -7.53 -34.39 40.73
N GLN E 159 -8.19 -34.32 39.59
CA GLN E 159 -7.70 -33.54 38.47
C GLN E 159 -8.88 -32.86 37.79
N GLU E 160 -8.73 -31.58 37.45
CA GLU E 160 -9.75 -30.80 36.77
C GLU E 160 -9.39 -30.59 35.31
N SER E 161 -10.40 -30.38 34.46
CA SER E 161 -10.17 -29.86 33.13
C SER E 161 -11.35 -28.98 32.69
N VAL E 162 -11.03 -27.86 32.03
CA VAL E 162 -12.01 -26.85 31.63
C VAL E 162 -12.10 -26.78 30.12
N THR E 163 -13.33 -26.67 29.61
CA THR E 163 -13.56 -26.52 28.17
C THR E 163 -13.16 -25.12 27.72
N GLU E 164 -12.96 -25.00 26.41
CA GLU E 164 -12.90 -23.69 25.80
C GLU E 164 -14.31 -23.13 25.73
N GLN E 165 -14.40 -21.81 25.65
CA GLN E 165 -15.65 -21.07 25.72
C GLN E 165 -16.59 -21.45 24.58
N ASP E 166 -17.88 -21.67 24.91
CA ASP E 166 -18.90 -22.03 23.92
C ASP E 166 -19.09 -20.90 22.89
N SER E 167 -19.12 -21.27 21.59
CA SER E 167 -19.13 -20.29 20.51
C SER E 167 -20.50 -19.64 20.36
N LYS E 168 -21.51 -20.17 21.07
CA LYS E 168 -22.89 -19.69 20.97
C LYS E 168 -23.24 -18.89 22.23
N ASP E 169 -23.12 -19.51 23.41
CA ASP E 169 -23.62 -18.95 24.66
C ASP E 169 -22.48 -18.50 25.57
N SER E 170 -21.24 -18.68 25.11
CA SER E 170 -20.05 -18.09 25.71
C SER E 170 -19.77 -18.63 27.11
N THR E 171 -20.19 -19.86 27.41
CA THR E 171 -19.95 -20.41 28.74
C THR E 171 -18.75 -21.36 28.74
N TYR E 172 -18.42 -21.80 29.96
CA TYR E 172 -17.39 -22.79 30.22
C TYR E 172 -18.04 -23.99 30.90
N SER E 173 -17.34 -25.13 30.88
CA SER E 173 -17.68 -26.31 31.65
C SER E 173 -16.41 -26.92 32.24
N LEU E 174 -16.54 -27.56 33.40
CA LEU E 174 -15.42 -28.15 34.11
C LEU E 174 -15.74 -29.60 34.50
N SER E 175 -14.68 -30.39 34.77
CA SER E 175 -14.83 -31.76 35.24
C SER E 175 -13.67 -32.10 36.17
N SER E 176 -13.98 -32.45 37.43
CA SER E 176 -12.97 -32.97 38.35
C SER E 176 -13.11 -34.48 38.46
N THR E 177 -12.02 -35.21 38.26
CA THR E 177 -12.03 -36.64 38.49
C THR E 177 -11.27 -36.94 39.78
N LEU E 178 -11.99 -37.22 40.86
CA LEU E 178 -11.38 -37.83 42.03
C LEU E 178 -11.05 -39.28 41.71
N THR E 179 -9.76 -39.67 41.82
CA THR E 179 -9.35 -41.03 41.51
C THR E 179 -8.70 -41.68 42.74
N LEU E 180 -9.14 -42.89 43.10
CA LEU E 180 -8.65 -43.67 44.23
C LEU E 180 -8.87 -45.17 43.96
N SER E 181 -8.23 -46.04 44.75
CA SER E 181 -8.33 -47.48 44.52
C SER E 181 -9.72 -48.00 44.91
N LYS E 182 -10.09 -49.15 44.31
CA LYS E 182 -11.35 -49.83 44.56
C LYS E 182 -11.45 -50.19 46.05
N ALA E 183 -10.30 -50.46 46.68
CA ALA E 183 -10.19 -50.76 48.10
C ALA E 183 -10.71 -49.59 48.94
N ASP E 184 -10.17 -48.39 48.67
CA ASP E 184 -10.43 -47.15 49.40
C ASP E 184 -11.82 -46.60 49.12
N TYR E 185 -12.27 -46.67 47.85
CA TYR E 185 -13.62 -46.29 47.49
C TYR E 185 -14.62 -47.05 48.36
N GLU E 186 -14.39 -48.36 48.57
CA GLU E 186 -15.31 -49.18 49.34
C GLU E 186 -15.17 -48.93 50.84
N LYS E 187 -14.01 -48.46 51.32
CA LYS E 187 -13.85 -48.17 52.74
C LYS E 187 -14.89 -47.12 53.16
N HIS E 188 -15.25 -46.22 52.24
CA HIS E 188 -16.08 -45.06 52.55
C HIS E 188 -17.40 -45.12 51.78
N LYS E 189 -18.39 -44.30 52.19
CA LYS E 189 -19.77 -44.44 51.77
C LYS E 189 -20.30 -43.20 51.05
N VAL E 190 -20.20 -42.02 51.68
CA VAL E 190 -20.79 -40.80 51.12
C VAL E 190 -19.71 -39.95 50.46
N TYR E 191 -19.89 -39.74 49.14
CA TYR E 191 -18.94 -39.02 48.29
C TYR E 191 -19.61 -37.76 47.76
N ALA E 192 -18.97 -36.61 48.00
CA ALA E 192 -19.59 -35.32 47.80
C ALA E 192 -18.72 -34.41 46.92
N CYS E 193 -19.40 -33.66 46.05
CA CYS E 193 -18.78 -32.64 45.21
C CYS E 193 -19.28 -31.27 45.64
N GLU E 194 -18.38 -30.36 46.05
CA GLU E 194 -18.76 -29.05 46.58
C GLU E 194 -18.12 -27.95 45.74
N VAL E 195 -19.00 -27.14 45.14
CA VAL E 195 -18.64 -26.14 44.13
C VAL E 195 -18.81 -24.73 44.68
N THR E 196 -17.87 -23.85 44.34
CA THR E 196 -17.91 -22.46 44.71
C THR E 196 -17.72 -21.64 43.44
N HIS E 197 -18.53 -20.58 43.28
CA HIS E 197 -18.57 -19.75 42.07
C HIS E 197 -19.32 -18.46 42.41
N GLN E 198 -19.15 -17.43 41.57
CA GLN E 198 -19.77 -16.13 41.81
C GLN E 198 -21.29 -16.19 41.73
N GLY E 199 -21.79 -16.85 40.68
CA GLY E 199 -23.21 -16.96 40.42
C GLY E 199 -23.94 -17.90 41.38
N LEU E 200 -23.24 -18.40 42.41
CA LEU E 200 -23.83 -19.18 43.48
C LEU E 200 -23.69 -18.38 44.77
N SER E 201 -24.82 -18.08 45.40
CA SER E 201 -24.82 -17.21 46.57
C SER E 201 -24.16 -17.93 47.73
N SER E 202 -24.06 -19.26 47.61
CA SER E 202 -23.43 -20.09 48.62
C SER E 202 -23.09 -21.43 47.98
N PRO E 203 -21.99 -22.10 48.39
CA PRO E 203 -21.61 -23.39 47.80
C PRO E 203 -22.74 -24.38 47.56
N VAL E 204 -22.67 -25.08 46.42
CA VAL E 204 -23.64 -26.11 46.06
C VAL E 204 -22.94 -27.47 46.13
N THR E 205 -23.64 -28.45 46.71
CA THR E 205 -23.05 -29.74 47.00
C THR E 205 -23.89 -30.85 46.38
N LYS E 206 -23.26 -31.66 45.51
CA LYS E 206 -23.86 -32.89 45.00
C LYS E 206 -23.16 -34.08 45.64
N SER E 207 -23.94 -35.09 46.07
CA SER E 207 -23.36 -36.29 46.65
C SER E 207 -24.27 -37.50 46.48
N PHE E 208 -23.72 -38.69 46.77
CA PHE E 208 -24.45 -39.95 46.67
C PHE E 208 -24.04 -40.85 47.84
N ASN E 209 -24.73 -41.99 47.94
CA ASN E 209 -24.25 -43.16 48.68
C ASN E 209 -23.94 -44.27 47.67
N ARG E 210 -23.21 -45.31 48.11
CA ARG E 210 -22.94 -46.47 47.29
C ARG E 210 -24.09 -47.48 47.37
N GLY E 211 -24.80 -47.70 46.25
CA GLY E 211 -25.97 -48.57 46.22
C GLY E 211 -26.95 -48.14 45.14
N ALA F 5 -11.29 -5.67 -6.70
CA ALA F 5 -11.07 -6.46 -7.94
C ALA F 5 -10.20 -5.64 -8.90
N CYS F 6 -9.27 -6.34 -9.55
CA CYS F 6 -8.10 -5.75 -10.17
C CYS F 6 -7.68 -6.73 -11.27
N ARG F 7 -7.02 -6.25 -12.34
CA ARG F 7 -6.85 -6.98 -13.60
C ARG F 7 -5.96 -8.22 -13.41
N GLU F 8 -5.92 -9.10 -14.43
CA GLU F 8 -5.26 -10.40 -14.34
C GLU F 8 -3.87 -10.32 -13.71
N LYS F 9 -2.96 -9.57 -14.36
CA LYS F 9 -1.54 -9.70 -14.05
C LYS F 9 -1.13 -8.65 -13.00
N GLN F 10 -2.08 -8.29 -12.13
CA GLN F 10 -1.84 -7.29 -11.10
C GLN F 10 -2.41 -7.77 -9.77
N TYR F 11 -2.10 -7.03 -8.69
CA TYR F 11 -2.45 -7.39 -7.32
C TYR F 11 -2.68 -6.11 -6.52
N LEU F 12 -3.64 -6.15 -5.59
CA LEU F 12 -4.08 -4.97 -4.86
C LEU F 12 -3.27 -4.81 -3.57
N ILE F 13 -2.34 -3.84 -3.57
CA ILE F 13 -1.71 -3.35 -2.36
C ILE F 13 -2.21 -1.94 -2.08
N ASN F 14 -2.82 -1.74 -0.92
CA ASN F 14 -3.36 -0.45 -0.55
C ASN F 14 -4.65 -0.28 -1.37
N SER F 15 -4.69 0.78 -2.17
CA SER F 15 -5.78 0.96 -3.11
C SER F 15 -5.17 1.09 -4.49
N GLN F 16 -3.99 0.49 -4.66
CA GLN F 16 -3.25 0.54 -5.90
C GLN F 16 -3.33 -0.84 -6.53
N CYS F 17 -3.46 -0.86 -7.84
CA CYS F 17 -3.40 -2.08 -8.62
C CYS F 17 -1.95 -2.28 -9.09
N CYS F 18 -1.15 -2.96 -8.27
CA CYS F 18 0.24 -3.20 -8.61
C CYS F 18 0.34 -4.23 -9.73
N SER F 19 1.21 -4.00 -10.70
CA SER F 19 1.47 -5.03 -11.70
C SER F 19 2.32 -6.16 -11.11
N LEU F 20 2.06 -7.40 -11.55
CA LEU F 20 2.89 -8.52 -11.12
C LEU F 20 4.25 -8.39 -11.78
N CYS F 21 5.22 -9.11 -11.24
CA CYS F 21 6.46 -9.38 -11.94
C CYS F 21 6.22 -10.43 -13.02
N GLN F 22 6.86 -10.22 -14.18
CA GLN F 22 6.83 -11.14 -15.31
C GLN F 22 7.62 -12.41 -15.03
N PRO F 23 7.40 -13.49 -15.81
CA PRO F 23 8.22 -14.69 -15.68
C PRO F 23 9.64 -14.28 -16.06
N GLY F 24 10.62 -14.83 -15.34
CA GLY F 24 12.02 -14.45 -15.51
C GLY F 24 12.48 -13.46 -14.45
N GLN F 25 11.55 -12.97 -13.62
CA GLN F 25 11.84 -11.83 -12.77
C GLN F 25 11.11 -11.93 -11.43
N LYS F 26 11.84 -11.49 -10.39
CA LYS F 26 11.37 -11.55 -9.01
C LYS F 26 11.08 -10.15 -8.49
N LEU F 27 10.18 -10.10 -7.50
CA LEU F 27 9.71 -8.85 -6.91
C LEU F 27 10.76 -8.31 -5.95
N VAL F 28 10.98 -7.00 -6.04
CA VAL F 28 11.90 -6.29 -5.19
C VAL F 28 11.12 -5.31 -4.33
N SER F 29 10.16 -4.63 -4.94
CA SER F 29 9.17 -3.90 -4.15
C SER F 29 7.86 -3.71 -4.91
N ASP F 30 6.79 -3.62 -4.11
CA ASP F 30 5.45 -3.41 -4.60
C ASP F 30 5.33 -1.99 -5.15
N CYS F 31 4.37 -1.79 -6.05
CA CYS F 31 4.01 -0.45 -6.46
C CYS F 31 3.51 0.34 -5.26
N THR F 32 3.85 1.64 -5.22
CA THR F 32 3.26 2.57 -4.28
C THR F 32 2.28 3.42 -5.06
N GLU F 33 1.83 4.53 -4.49
CA GLU F 33 1.06 5.52 -5.24
C GLU F 33 1.91 6.17 -6.34
N PHE F 34 3.24 6.17 -6.15
CA PHE F 34 4.18 6.95 -6.95
C PHE F 34 4.86 6.07 -7.99
N THR F 35 5.40 4.93 -7.54
CA THR F 35 6.21 4.07 -8.38
C THR F 35 5.46 2.79 -8.78
N GLU F 36 5.93 2.19 -9.87
CA GLU F 36 5.48 0.89 -10.34
C GLU F 36 6.17 -0.22 -9.57
N THR F 37 5.69 -1.45 -9.79
CA THR F 37 6.27 -2.62 -9.17
C THR F 37 7.69 -2.73 -9.69
N GLU F 38 8.62 -2.92 -8.77
CA GLU F 38 10.03 -2.98 -9.10
C GLU F 38 10.43 -4.46 -9.14
N CYS F 39 10.70 -4.96 -10.34
CA CYS F 39 11.13 -6.34 -10.56
C CYS F 39 12.53 -6.36 -11.13
N LEU F 40 13.14 -7.53 -11.15
CA LEU F 40 14.53 -7.71 -11.52
C LEU F 40 14.74 -9.16 -11.94
N PRO F 41 15.66 -9.47 -12.88
CA PRO F 41 15.76 -10.82 -13.41
C PRO F 41 16.41 -11.79 -12.43
N CYS F 42 15.92 -13.04 -12.42
CA CYS F 42 16.56 -14.16 -11.73
C CYS F 42 18.01 -14.35 -12.15
N GLY F 43 18.82 -14.84 -11.20
CA GLY F 43 20.21 -15.18 -11.45
C GLY F 43 20.32 -16.43 -12.32
N GLU F 44 21.55 -16.79 -12.69
CA GLU F 44 21.78 -17.74 -13.76
C GLU F 44 21.24 -19.12 -13.44
N SER F 45 21.22 -19.50 -12.15
CA SER F 45 20.91 -20.87 -11.76
C SER F 45 19.50 -20.98 -11.17
N GLU F 46 18.62 -20.06 -11.60
CA GLU F 46 17.30 -19.92 -11.01
C GLU F 46 16.28 -19.47 -12.05
N PHE F 47 15.00 -19.50 -11.66
CA PHE F 47 13.90 -19.25 -12.57
C PHE F 47 12.61 -18.93 -11.82
N LEU F 48 11.73 -18.14 -12.49
CA LEU F 48 10.33 -18.00 -12.13
C LEU F 48 9.53 -18.18 -13.40
N ASP F 49 8.63 -19.17 -13.41
CA ASP F 49 7.95 -19.64 -14.61
C ASP F 49 6.60 -18.96 -14.78
N THR F 50 6.25 -18.08 -13.84
CA THR F 50 4.89 -17.58 -13.69
C THR F 50 4.90 -16.06 -13.51
N TRP F 51 3.77 -15.41 -13.80
CA TRP F 51 3.57 -14.02 -13.39
C TRP F 51 3.42 -13.98 -11.87
N ASN F 52 4.30 -13.25 -11.17
CA ASN F 52 4.54 -13.58 -9.78
C ASN F 52 4.79 -12.32 -8.96
N ARG F 53 4.70 -12.48 -7.63
CA ARG F 53 5.26 -11.56 -6.66
C ARG F 53 6.12 -12.37 -5.67
N GLU F 54 7.01 -13.20 -6.22
CA GLU F 54 7.91 -14.03 -5.45
C GLU F 54 9.23 -13.28 -5.31
N THR F 55 9.77 -13.21 -4.09
CA THR F 55 10.98 -12.43 -3.84
C THR F 55 12.23 -13.28 -4.05
N HIS F 56 12.09 -14.61 -4.01
CA HIS F 56 13.21 -15.50 -4.25
C HIS F 56 12.90 -16.47 -5.37
N CYS F 57 13.63 -16.40 -6.47
CA CYS F 57 13.42 -17.31 -7.58
C CYS F 57 13.64 -18.76 -7.13
N HIS F 58 13.13 -19.67 -7.95
CA HIS F 58 13.22 -21.10 -7.68
C HIS F 58 14.64 -21.54 -8.00
N GLN F 59 15.18 -22.45 -7.19
CA GLN F 59 16.39 -23.17 -7.56
C GLN F 59 16.11 -23.91 -8.87
N HIS F 60 17.04 -23.80 -9.80
CA HIS F 60 17.13 -24.79 -10.87
C HIS F 60 17.34 -26.15 -10.24
N LYS F 61 16.81 -27.17 -10.89
CA LYS F 61 16.98 -28.55 -10.45
C LYS F 61 18.39 -29.00 -10.76
N TYR F 62 19.03 -29.68 -9.82
CA TYR F 62 20.41 -30.10 -10.04
C TYR F 62 20.40 -31.47 -10.69
N CYS F 63 21.06 -31.56 -11.86
CA CYS F 63 21.35 -32.82 -12.52
C CYS F 63 22.64 -33.41 -11.95
N ASP F 64 22.53 -34.02 -10.76
CA ASP F 64 23.68 -34.37 -9.94
C ASP F 64 24.16 -35.80 -10.23
N PRO F 65 25.33 -35.96 -10.91
CA PRO F 65 25.78 -37.27 -11.38
C PRO F 65 25.60 -38.45 -10.41
N ASN F 66 25.70 -38.17 -9.11
CA ASN F 66 25.66 -39.17 -8.06
C ASN F 66 24.28 -39.84 -7.92
N LEU F 67 23.21 -39.18 -8.37
CA LEU F 67 21.92 -39.84 -8.43
C LEU F 67 21.68 -40.35 -9.86
N GLY F 68 22.72 -40.24 -10.71
CA GLY F 68 22.70 -40.79 -12.07
C GLY F 68 22.17 -39.80 -13.11
N LEU F 69 21.96 -38.54 -12.68
CA LEU F 69 21.25 -37.56 -13.48
C LEU F 69 22.23 -36.89 -14.44
N ARG F 70 21.72 -36.37 -15.56
CA ARG F 70 22.47 -35.42 -16.36
C ARG F 70 21.53 -34.47 -17.10
N VAL F 71 22.10 -33.38 -17.62
CA VAL F 71 21.34 -32.24 -18.09
C VAL F 71 20.84 -32.57 -19.49
N GLN F 72 19.63 -33.12 -19.57
CA GLN F 72 18.95 -33.29 -20.84
C GLN F 72 18.70 -31.94 -21.50
N GLN F 73 18.22 -30.97 -20.72
CA GLN F 73 17.91 -29.65 -21.25
C GLN F 73 18.20 -28.54 -20.24
N LYS F 74 18.86 -27.47 -20.70
CA LYS F 74 19.26 -26.36 -19.85
C LYS F 74 18.04 -25.60 -19.33
N GLY F 75 18.03 -25.33 -18.03
CA GLY F 75 17.06 -24.40 -17.49
C GLY F 75 17.38 -22.96 -17.88
N THR F 76 16.34 -22.12 -17.88
CA THR F 76 16.41 -20.68 -18.14
C THR F 76 15.69 -19.97 -17.01
N SER F 77 15.57 -18.65 -17.12
CA SER F 77 14.97 -17.88 -16.05
C SER F 77 13.46 -18.15 -15.93
N GLU F 78 12.87 -18.93 -16.84
CA GLU F 78 11.43 -19.15 -16.84
C GLU F 78 11.08 -20.64 -16.92
N THR F 79 12.11 -21.48 -16.79
CA THR F 79 11.98 -22.90 -17.06
C THR F 79 12.97 -23.63 -16.17
N ASP F 80 12.56 -24.79 -15.61
CA ASP F 80 13.46 -25.56 -14.76
C ASP F 80 14.32 -26.46 -15.65
N THR F 81 15.59 -26.66 -15.27
CA THR F 81 16.40 -27.73 -15.85
C THR F 81 15.60 -29.04 -15.81
N ILE F 82 15.62 -29.77 -16.93
CA ILE F 82 15.12 -31.14 -16.98
C ILE F 82 16.32 -32.07 -17.02
N CYS F 83 16.31 -33.09 -16.15
CA CYS F 83 17.40 -34.07 -16.08
C CYS F 83 17.03 -35.38 -16.80
N THR F 84 18.03 -36.24 -17.05
CA THR F 84 17.81 -37.61 -17.53
C THR F 84 18.87 -38.53 -16.93
N CYS F 85 18.52 -39.82 -16.92
CA CYS F 85 19.42 -40.90 -16.55
C CYS F 85 20.59 -40.96 -17.53
N GLU F 86 21.81 -41.03 -17.00
CA GLU F 86 23.01 -41.28 -17.78
C GLU F 86 22.98 -42.68 -18.37
N GLU F 87 23.73 -42.86 -19.46
CA GLU F 87 24.07 -44.18 -19.97
C GLU F 87 24.71 -44.96 -18.82
N GLY F 88 24.14 -46.14 -18.53
CA GLY F 88 24.56 -46.96 -17.41
C GLY F 88 23.62 -46.84 -16.21
N TRP F 89 22.58 -45.99 -16.35
CA TRP F 89 21.62 -45.72 -15.29
C TRP F 89 20.21 -45.83 -15.86
N HIS F 90 19.26 -46.23 -14.99
CA HIS F 90 17.87 -46.45 -15.36
C HIS F 90 16.95 -45.71 -14.39
N CYS F 91 15.65 -45.72 -14.68
CA CYS F 91 14.65 -44.95 -13.93
C CYS F 91 14.13 -45.72 -12.72
N THR F 92 14.02 -45.02 -11.57
CA THR F 92 13.46 -45.56 -10.34
C THR F 92 11.93 -45.51 -10.43
N SER F 93 11.39 -44.41 -10.99
CA SER F 93 9.94 -44.26 -11.18
C SER F 93 9.58 -44.47 -12.65
N GLU F 94 8.27 -44.50 -12.93
CA GLU F 94 7.75 -44.56 -14.28
C GLU F 94 7.90 -43.17 -14.93
N ALA F 95 7.85 -42.12 -14.11
CA ALA F 95 7.96 -40.74 -14.58
C ALA F 95 9.42 -40.35 -14.76
N CYS F 96 10.31 -41.06 -14.04
CA CYS F 96 11.76 -40.94 -14.16
C CYS F 96 12.21 -39.66 -13.43
N GLU F 97 12.49 -39.86 -12.13
CA GLU F 97 12.85 -38.80 -11.22
C GLU F 97 14.34 -38.91 -10.84
N SER F 98 14.69 -39.97 -10.10
CA SER F 98 16.07 -40.32 -9.82
C SER F 98 16.47 -41.52 -10.69
N CYS F 99 17.75 -41.91 -10.61
CA CYS F 99 18.28 -42.97 -11.46
C CYS F 99 19.17 -43.90 -10.65
N VAL F 100 18.89 -45.21 -10.72
CA VAL F 100 19.66 -46.23 -10.02
C VAL F 100 20.46 -47.03 -11.05
N LEU F 101 21.67 -47.45 -10.66
CA LEU F 101 22.59 -48.14 -11.56
C LEU F 101 21.97 -49.46 -12.01
N HIS F 102 22.48 -49.95 -13.15
CA HIS F 102 22.03 -51.20 -13.74
C HIS F 102 22.44 -52.35 -12.81
N ARG F 103 21.44 -53.16 -12.44
CA ARG F 103 21.64 -54.34 -11.60
C ARG F 103 22.49 -55.36 -12.35
N SER F 104 23.56 -55.86 -11.72
CA SER F 104 24.26 -57.02 -12.23
C SER F 104 23.52 -58.29 -11.77
N CYS F 105 23.99 -59.46 -12.22
CA CYS F 105 23.34 -60.73 -11.90
C CYS F 105 24.35 -61.81 -11.54
N SER F 106 24.19 -62.28 -10.30
CA SER F 106 25.19 -63.07 -9.61
C SER F 106 25.29 -64.44 -10.25
N PRO F 107 26.26 -65.27 -9.83
CA PRO F 107 26.31 -66.68 -10.21
C PRO F 107 24.94 -67.34 -10.03
N GLY F 108 24.61 -68.31 -10.89
CA GLY F 108 23.32 -68.98 -10.79
C GLY F 108 22.20 -68.20 -11.48
N PHE F 109 22.47 -66.95 -11.87
CA PHE F 109 21.48 -66.16 -12.57
C PHE F 109 22.06 -65.73 -13.92
N GLY F 110 21.18 -65.25 -14.79
CA GLY F 110 21.55 -64.87 -16.15
C GLY F 110 20.58 -63.85 -16.71
N VAL F 111 21.06 -63.05 -17.67
CA VAL F 111 20.31 -61.91 -18.15
C VAL F 111 19.26 -62.36 -19.16
N LYS F 112 18.00 -62.11 -18.82
CA LYS F 112 16.86 -62.33 -19.69
C LYS F 112 16.76 -61.16 -20.67
N GLN F 113 17.18 -59.96 -20.23
CA GLN F 113 16.93 -58.72 -20.95
C GLN F 113 17.85 -57.63 -20.39
N ILE F 114 18.68 -57.04 -21.25
CA ILE F 114 19.59 -55.97 -20.87
C ILE F 114 18.78 -54.71 -20.51
N ALA F 115 19.35 -53.91 -19.60
CA ALA F 115 18.72 -52.69 -19.09
C ALA F 115 18.83 -51.53 -20.08
N THR F 116 17.92 -50.55 -19.97
CA THR F 116 17.71 -49.60 -21.05
C THR F 116 17.67 -48.14 -20.58
N GLY F 117 17.69 -47.88 -19.27
CA GLY F 117 17.59 -46.49 -18.82
C GLY F 117 16.14 -46.09 -18.52
N VAL F 118 15.17 -46.74 -19.17
CA VAL F 118 13.76 -46.66 -18.80
C VAL F 118 13.30 -48.01 -18.23
N SER F 119 14.25 -48.95 -18.06
CA SER F 119 13.97 -50.30 -17.54
C SER F 119 15.26 -50.90 -17.00
N ASP F 120 15.13 -51.85 -16.06
CA ASP F 120 16.29 -52.48 -15.45
C ASP F 120 16.56 -53.82 -16.15
N THR F 121 17.72 -54.41 -15.78
CA THR F 121 18.12 -55.75 -16.15
C THR F 121 17.14 -56.75 -15.56
N ILE F 122 16.46 -57.52 -16.42
CA ILE F 122 15.66 -58.63 -15.93
C ILE F 122 16.57 -59.84 -15.81
N CYS F 123 16.46 -60.57 -14.69
CA CYS F 123 17.27 -61.75 -14.47
C CYS F 123 16.44 -62.99 -14.26
N GLU F 124 16.94 -64.10 -14.82
CA GLU F 124 16.34 -65.41 -14.64
C GLU F 124 17.36 -66.35 -14.01
N PRO F 125 16.89 -67.38 -13.26
CA PRO F 125 17.80 -68.39 -12.71
C PRO F 125 18.22 -69.32 -13.84
N CYS F 126 19.46 -69.82 -13.78
CA CYS F 126 19.90 -70.81 -14.74
C CYS F 126 19.20 -72.13 -14.42
N PRO F 127 18.31 -72.65 -15.30
CA PRO F 127 17.62 -73.91 -15.03
C PRO F 127 18.60 -75.08 -14.99
N VAL F 128 18.10 -76.28 -14.71
CA VAL F 128 18.96 -77.46 -14.63
C VAL F 128 19.63 -77.61 -15.99
N GLY F 129 20.96 -77.81 -15.98
CA GLY F 129 21.71 -78.01 -17.21
C GLY F 129 22.46 -76.74 -17.66
N PHE F 130 22.26 -75.62 -16.94
CA PHE F 130 22.85 -74.34 -17.30
C PHE F 130 23.51 -73.70 -16.07
N PHE F 131 24.53 -72.86 -16.29
CA PHE F 131 25.25 -72.21 -15.21
C PHE F 131 25.64 -70.77 -15.56
N SER F 132 26.19 -70.09 -14.56
CA SER F 132 26.92 -68.84 -14.74
C SER F 132 27.79 -68.61 -13.50
N ASN F 133 29.08 -68.28 -13.69
CA ASN F 133 30.02 -68.25 -12.59
C ASN F 133 30.32 -66.82 -12.14
N VAL F 134 29.60 -65.82 -12.68
CA VAL F 134 30.04 -64.45 -12.58
C VAL F 134 28.85 -63.52 -12.31
N SER F 135 29.15 -62.34 -11.75
CA SER F 135 28.20 -61.23 -11.73
C SER F 135 28.38 -60.39 -12.99
N SER F 136 27.30 -60.22 -13.76
CA SER F 136 27.37 -59.46 -15.00
C SER F 136 26.01 -58.87 -15.31
N ALA F 137 25.98 -57.85 -16.18
CA ALA F 137 24.76 -57.17 -16.55
C ALA F 137 24.30 -57.56 -17.95
N PHE F 138 25.17 -58.28 -18.70
CA PHE F 138 24.91 -58.68 -20.07
C PHE F 138 24.85 -60.20 -20.20
N GLU F 139 25.67 -60.90 -19.39
CA GLU F 139 25.96 -62.31 -19.51
C GLU F 139 24.70 -63.16 -19.32
N LYS F 140 24.44 -64.01 -20.32
CA LYS F 140 23.36 -64.98 -20.32
C LYS F 140 23.84 -66.26 -19.62
N CYS F 141 22.89 -67.17 -19.35
CA CYS F 141 23.20 -68.49 -18.81
C CYS F 141 23.81 -69.35 -19.90
N HIS F 142 24.72 -70.25 -19.50
CA HIS F 142 25.42 -71.12 -20.43
C HIS F 142 25.01 -72.57 -20.12
N PRO F 143 24.98 -73.47 -21.12
CA PRO F 143 24.79 -74.89 -20.84
C PRO F 143 26.11 -75.57 -20.45
N TRP F 144 26.04 -76.52 -19.51
CA TRP F 144 27.20 -77.31 -19.12
C TRP F 144 27.87 -77.85 -20.36
N THR F 145 29.20 -77.99 -20.32
CA THR F 145 29.89 -78.79 -21.33
C THR F 145 29.42 -80.24 -21.20
N SER F 146 29.18 -80.88 -22.34
CA SER F 146 28.74 -82.25 -22.36
C SER F 146 29.97 -83.13 -22.59
N CYS F 147 30.57 -83.62 -21.49
CA CYS F 147 31.78 -84.44 -21.60
C CYS F 147 31.52 -85.69 -22.43
N GLU F 148 30.30 -86.22 -22.30
CA GLU F 148 29.88 -87.44 -22.97
C GLU F 148 30.06 -87.31 -24.49
N THR F 149 29.76 -86.14 -25.07
CA THR F 149 29.99 -85.94 -26.50
C THR F 149 31.47 -86.18 -26.78
N LEU F 152 34.21 -88.64 -22.95
CA LEU F 152 34.75 -88.51 -21.56
C LEU F 152 33.63 -88.67 -20.53
N VAL F 153 33.97 -88.56 -19.24
CA VAL F 153 33.06 -88.80 -18.14
C VAL F 153 33.12 -87.61 -17.19
N VAL F 154 32.08 -87.50 -16.34
CA VAL F 154 31.93 -86.42 -15.38
C VAL F 154 32.68 -86.78 -14.08
N GLN F 155 33.83 -86.14 -13.84
CA GLN F 155 34.57 -86.24 -12.59
C GLN F 155 33.67 -85.74 -11.47
N GLN F 156 33.12 -84.55 -11.67
CA GLN F 156 32.13 -84.00 -10.78
C GLN F 156 31.12 -83.20 -11.61
N ALA F 157 29.93 -83.02 -11.03
CA ALA F 157 28.74 -82.55 -11.70
C ALA F 157 28.68 -81.02 -11.67
N GLY F 158 27.89 -80.46 -12.59
CA GLY F 158 27.73 -79.02 -12.67
C GLY F 158 26.61 -78.56 -11.75
N THR F 159 26.59 -77.26 -11.42
CA THR F 159 25.46 -76.64 -10.73
C THR F 159 25.03 -75.40 -11.48
N ASN F 160 24.15 -74.62 -10.84
CA ASN F 160 23.68 -73.35 -11.38
C ASN F 160 24.81 -72.30 -11.38
N LYS F 161 25.91 -72.57 -10.66
CA LYS F 161 27.01 -71.62 -10.58
C LYS F 161 28.29 -72.15 -11.24
N THR F 162 28.38 -73.47 -11.49
CA THR F 162 29.65 -74.05 -11.91
C THR F 162 29.41 -75.06 -13.03
N ASP F 163 30.29 -75.00 -14.04
CA ASP F 163 30.30 -75.96 -15.13
C ASP F 163 30.64 -77.36 -14.60
N VAL F 164 30.37 -78.38 -15.42
CA VAL F 164 30.89 -79.72 -15.20
C VAL F 164 32.38 -79.68 -15.47
N VAL F 165 33.20 -80.37 -14.64
CA VAL F 165 34.64 -80.37 -14.75
C VAL F 165 35.11 -81.54 -15.63
N CYS F 166 34.58 -82.73 -15.31
CA CYS F 166 34.62 -83.87 -16.21
C CYS F 166 36.06 -84.15 -16.69
#